data_6WZ9
#
_entry.id   6WZ9
#
_cell.length_a   1.00
_cell.length_b   1.00
_cell.length_c   1.00
_cell.angle_alpha   90.00
_cell.angle_beta   90.00
_cell.angle_gamma   90.00
#
_symmetry.space_group_name_H-M   'P 1'
#
loop_
_entity.id
_entity.type
_entity.pdbx_description
1 polymer 'Histone H3.2'
2 polymer 'Histone H4'
3 polymer 'Histone H2A'
4 polymer 'Histone H2B 1.1'
5 polymer DNA
6 polymer DNA
#
loop_
_entity_poly.entity_id
_entity_poly.type
_entity_poly.pdbx_seq_one_letter_code
_entity_poly.pdbx_strand_id
1 'polypeptide(L)'
;ARTKQTARKSTGGKAPRKQLATKAARKSAPATGGVKKPHRYRPGTVALREIRRYQKSTELLIRKLPFQRLVREIAQDFKT
DLRFQSSAVMALQEASEAYLVALFEDTNLCAIHAKRVTIMPKDIQLARRIRGERA
;
A,E
2 'polypeptide(L)'
;SGRGKGGKGLGKGGAKRHRKVLRDNIQGITKPAIRRLARRGGVKRISGLIYEETRGVLKVFLENVIRDAVTYTEHAKRKT
VTAMDVVYALKRQGRTLYGFGG
;
B,F
3 'polypeptide(L)'
;SGRGKQGGKTRAKAKTRSSRAGLQFPVGRVHRLLRKGNYAERVGAGAPVYLAAVLEYLTAEILELAGNAARDNKKTRIIP
RHLQLAVRNDEELNKLLGRVTIAQGGVLPNIQSVLLPKKTESSKSAKSK
;
C,G
4 'polypeptide(L)'
;AKSAPAPKKGSKKAVTKTQKKDGKKRRKTRKESYAIYVYKVLKQVHPDTGISSKAMSIMNSFVNDVFERIAGEASRLAHY
NKRSTITSREIQTAVRLLLPGELAKHAVSEGTKAVTKYTSAK
;
D,H
5 'polydeoxyribonucleotide'
;(DC)(DA)(DA)(DT)(DA)(DC)(DA)(DT)(DG)(DC)(DA)(DC)(DA)(DG)(DG)(DA)(DT)(DG)(DT)(DA)
(DT)(DA)(DT)(DA)(DT)(DC)(DT)(DG)(DA)(DC)(DA)(DC)(DG)(DT)(DG)(DC)(DC)(DT)(DG)(DG)
(DA)(DG)(DA)(DC)(DT)(DA)(DG)(DG)(DG)(DA)(DG)(DT)(DA)(DA)(DT)(DC)(DC)(DC)(DC)(DT)
(DT)(DG)(DG)(DC)(DG)(DG)(DT)(DT)(DA)(DA)(DA)(DA)(DC)(DG)(DC)(DG)(DG)(DG)(DG)(DG)
(DA)(DC)(DA)(DG)(DC)(DG)(DC)(DG)(DT)(DA)(DC)(DG)(DT)(DG)(DC)(DG)(DT)(DT)(DT)(DA)
(DA)(DG)(DC)(DG)(DG)(DT)(DG)(DC)(DT)(DA)(DG)(DA)(DG)(DC)(DT)(DG)(DT)(DC)(DT)(DA)
(DC)(DG)(DA)(DC)(DC)(DA)(DA)(DT)(DT)(DG)(DA)(DG)(DC)(DG)(DG)(DC)(DC)(DT)(DC)(DG)
(DG)(DC)(DA)(DC)(DC)(DG)(DG)(DG)(DA)(DT)(DT)(DC)(DT)(DC)(DC)(DA)(DG)(DG)(DG)(DC)
(DA)(DT)(DC)(DA)(DT)(DA)(DG)
;
I
6 'polydeoxyribonucleotide'
;(DC)(DT)(DA)(DT)(DG)(DA)(DT)(DG)(DC)(DC)(DC)(DT)(DG)(DG)(DA)(DG)(DA)(DA)(DT)(DC)
(DC)(DC)(DG)(DG)(DT)(DG)(DC)(DC)(DG)(DA)(DG)(DG)(DC)(DC)(DG)(DC)(DT)(DC)(DA)(DA)
(DT)(DT)(DG)(DG)(DT)(DC)(DG)(DT)(DA)(DG)(DA)(DC)(DA)(DG)(DC)(DT)(DC)(DT)(DA)(DG)
(DC)(DA)(DC)(DC)(DG)(DC)(DT)(DT)(DA)(DA)(DA)(DC)(DG)(DC)(DA)(DC)(DG)(DT)(DA)(DC)
(DG)(DC)(DG)(DC)(DT)(DG)(DT)(DC)(DC)(DC)(DC)(DC)(DG)(DC)(DG)(DT)(DT)(DT)(DT)(DA)
(DA)(DC)(DC)(DG)(DC)(DC)(DA)(DA)(DG)(DG)(DG)(DG)(DA)(DT)(DT)(DA)(DC)(DT)(DC)(DC)
(DC)(DT)(DA)(DG)(DT)(DC)(DT)(DC)(DC)(DA)(DG)(DG)(DC)(DA)(DC)(DG)(DT)(DG)(DT)(DC)
(DA)(DG)(DA)(DT)(DA)(DT)(DA)(DT)(DA)(DC)(DA)(DT)(DC)(DC)(DT)(DG)(DT)(DG)(DC)(DA)
(DT)(DG)(DT)(DA)(DT)(DT)(DG)
;
J
#
loop_
_chem_comp.id
_chem_comp.type
_chem_comp.name
_chem_comp.formula
DA DNA linking 2'-DEOXYADENOSINE-5'-MONOPHOSPHATE 'C10 H14 N5 O6 P'
DC DNA linking 2'-DEOXYCYTIDINE-5'-MONOPHOSPHATE 'C9 H14 N3 O7 P'
DG DNA linking 2'-DEOXYGUANOSINE-5'-MONOPHOSPHATE 'C10 H14 N5 O7 P'
DT DNA linking THYMIDINE-5'-MONOPHOSPHATE 'C10 H15 N2 O8 P'
#
# COMPACT_ATOMS: atom_id res chain seq x y z
N HIS A 39 46.61 -11.15 20.86
CA HIS A 39 45.25 -11.57 21.15
C HIS A 39 44.40 -11.47 19.88
N ARG A 40 43.63 -12.52 19.61
CA ARG A 40 42.70 -12.52 18.48
C ARG A 40 41.36 -13.05 18.96
N TYR A 41 40.28 -12.34 18.61
CA TYR A 41 38.94 -12.89 18.75
C TYR A 41 38.65 -13.88 17.62
N ARG A 42 37.75 -14.81 17.90
CA ARG A 42 37.38 -15.82 16.93
C ARG A 42 36.45 -15.19 15.88
N PRO A 43 36.32 -15.83 14.71
CA PRO A 43 35.57 -15.20 13.59
C PRO A 43 34.07 -15.13 13.79
N GLY A 44 33.61 -14.03 14.37
CA GLY A 44 32.18 -13.77 14.55
C GLY A 44 31.87 -13.01 15.81
N THR A 45 32.79 -13.01 16.77
CA THR A 45 32.62 -12.23 17.99
C THR A 45 32.53 -10.73 17.68
N VAL A 46 33.44 -10.23 16.83
CA VAL A 46 33.45 -8.81 16.50
C VAL A 46 32.30 -8.44 15.58
N ALA A 47 31.84 -9.38 14.75
CA ALA A 47 30.66 -9.12 13.94
C ALA A 47 29.45 -8.94 14.84
N LEU A 48 29.32 -9.76 15.87
CA LEU A 48 28.25 -9.62 16.84
C LEU A 48 28.41 -8.32 17.62
N ARG A 49 29.64 -7.93 17.93
CA ARG A 49 29.85 -6.65 18.59
C ARG A 49 29.34 -5.50 17.74
N GLU A 50 29.67 -5.49 16.45
CA GLU A 50 29.16 -4.43 15.58
C GLU A 50 27.64 -4.49 15.44
N ILE A 51 27.06 -5.68 15.39
CA ILE A 51 25.61 -5.80 15.34
C ILE A 51 24.99 -5.12 16.55
N ARG A 52 25.47 -5.44 17.76
CA ARG A 52 24.91 -4.84 18.96
C ARG A 52 25.10 -3.32 18.96
N ARG A 53 26.29 -2.87 18.56
CA ARG A 53 26.59 -1.45 18.56
C ARG A 53 25.68 -0.70 17.60
N TYR A 54 25.57 -1.17 16.36
CA TYR A 54 24.78 -0.47 15.36
C TYR A 54 23.29 -0.65 15.56
N GLN A 55 22.86 -1.62 16.36
CA GLN A 55 21.44 -1.62 16.70
C GLN A 55 21.15 -0.75 17.91
N LYS A 56 22.15 -0.46 18.76
CA LYS A 56 21.98 0.60 19.75
C LYS A 56 21.96 1.99 19.11
N SER A 57 22.80 2.25 18.11
CA SER A 57 23.01 3.58 17.57
C SER A 57 21.92 3.95 16.57
N THR A 58 21.91 5.24 16.18
CA THR A 58 20.96 5.76 15.20
C THR A 58 21.57 6.61 14.10
N GLU A 59 22.88 6.86 14.11
CA GLU A 59 23.46 7.75 13.11
C GLU A 59 23.52 7.11 11.74
N LEU A 60 23.57 7.96 10.72
CA LEU A 60 23.67 7.49 9.35
C LEU A 60 24.99 6.78 9.13
N LEU A 61 24.98 5.79 8.24
CA LEU A 61 26.14 4.91 8.08
C LEU A 61 26.89 5.08 6.76
N ILE A 62 26.36 5.81 5.81
CA ILE A 62 27.08 6.14 4.59
C ILE A 62 27.73 7.50 4.75
N ARG A 63 28.87 7.70 4.09
CA ARG A 63 29.50 9.00 4.13
C ARG A 63 28.68 10.00 3.32
N LYS A 64 28.44 11.18 3.92
CA LYS A 64 27.54 12.17 3.34
C LYS A 64 27.99 12.69 1.97
N LEU A 65 29.24 13.12 1.84
CA LEU A 65 29.69 13.73 0.58
C LEU A 65 29.71 12.77 -0.60
N PRO A 66 30.22 11.54 -0.49
CA PRO A 66 30.07 10.60 -1.61
C PRO A 66 28.62 10.36 -1.97
N PHE A 67 27.75 10.26 -0.98
CA PHE A 67 26.33 10.06 -1.23
C PHE A 67 25.75 11.24 -2.00
N GLN A 68 26.17 12.45 -1.66
CA GLN A 68 25.65 13.62 -2.34
C GLN A 68 26.11 13.66 -3.79
N ARG A 69 27.38 13.36 -4.04
CA ARG A 69 27.84 13.26 -5.42
C ARG A 69 27.08 12.20 -6.20
N LEU A 70 26.83 11.04 -5.56
CA LEU A 70 26.04 10.01 -6.22
C LEU A 70 24.64 10.52 -6.58
N VAL A 71 23.99 11.20 -5.65
CA VAL A 71 22.64 11.68 -5.88
C VAL A 71 22.63 12.68 -7.04
N ARG A 72 23.57 13.62 -7.03
CA ARG A 72 23.60 14.62 -8.10
C ARG A 72 23.90 13.99 -9.44
N GLU A 73 24.79 12.99 -9.47
CA GLU A 73 25.10 12.30 -10.71
C GLU A 73 23.87 11.57 -11.24
N ILE A 74 23.13 10.90 -10.34
CA ILE A 74 21.92 10.20 -10.74
C ILE A 74 20.89 11.19 -11.27
N ALA A 75 20.81 12.37 -10.66
CA ALA A 75 19.82 13.37 -11.06
C ALA A 75 20.18 14.04 -12.38
N GLN A 76 21.46 14.06 -12.77
CA GLN A 76 21.84 14.60 -14.07
C GLN A 76 21.01 14.03 -15.22
N ASP A 77 20.64 12.76 -15.17
CA ASP A 77 19.92 12.15 -16.30
C ASP A 77 18.47 12.62 -16.40
N PHE A 78 17.90 13.21 -15.34
CA PHE A 78 16.54 13.71 -15.38
C PHE A 78 16.45 15.20 -15.70
N LYS A 79 17.37 16.02 -15.21
CA LYS A 79 17.33 17.46 -15.48
C LYS A 79 18.70 18.03 -15.20
N THR A 80 19.17 18.90 -16.10
CA THR A 80 20.50 19.47 -15.97
C THR A 80 20.49 20.71 -15.10
N ASP A 81 21.67 21.03 -14.55
CA ASP A 81 21.89 22.25 -13.76
C ASP A 81 20.93 22.30 -12.56
N LEU A 82 20.53 21.12 -12.10
CA LEU A 82 19.65 21.03 -10.94
C LEU A 82 20.38 21.39 -9.66
N ARG A 83 19.66 22.01 -8.73
CA ARG A 83 20.14 22.23 -7.37
C ARG A 83 19.34 21.42 -6.36
N PHE A 84 19.97 21.16 -5.22
CA PHE A 84 19.36 20.38 -4.16
C PHE A 84 19.44 21.13 -2.84
N GLN A 85 18.35 21.16 -2.10
CA GLN A 85 18.43 21.54 -0.70
C GLN A 85 19.16 20.47 0.09
N SER A 86 19.94 20.91 1.07
CA SER A 86 20.63 19.98 1.95
C SER A 86 19.67 19.01 2.62
N SER A 87 18.50 19.51 3.04
CA SER A 87 17.53 18.64 3.69
C SER A 87 16.93 17.62 2.73
N ALA A 88 16.86 17.92 1.44
CA ALA A 88 16.41 16.92 0.47
C ALA A 88 17.41 15.77 0.41
N VAL A 89 18.70 16.11 0.31
CA VAL A 89 19.74 15.08 0.29
C VAL A 89 19.70 14.26 1.58
N MET A 90 19.46 14.92 2.70
CA MET A 90 19.42 14.18 3.96
C MET A 90 18.23 13.25 4.02
N ALA A 91 17.08 13.71 3.49
CA ALA A 91 15.90 12.83 3.43
C ALA A 91 16.17 11.63 2.54
N LEU A 92 16.84 11.84 1.40
CA LEU A 92 17.22 10.72 0.55
C LEU A 92 18.11 9.74 1.29
N GLN A 93 19.07 10.24 2.06
CA GLN A 93 19.98 9.36 2.77
C GLN A 93 19.24 8.57 3.85
N GLU A 94 18.34 9.23 4.59
CA GLU A 94 17.54 8.52 5.58
C GLU A 94 16.70 7.42 4.94
N ALA A 95 16.02 7.74 3.83
CA ALA A 95 15.21 6.75 3.14
C ALA A 95 16.05 5.58 2.64
N SER A 96 17.20 5.89 2.03
CA SER A 96 18.06 4.85 1.47
C SER A 96 18.56 3.91 2.55
N GLU A 97 19.01 4.48 3.68
CA GLU A 97 19.55 3.64 4.73
C GLU A 97 18.46 2.81 5.41
N ALA A 98 17.27 3.38 5.62
CA ALA A 98 16.18 2.57 6.16
C ALA A 98 15.83 1.41 5.22
N TYR A 99 15.76 1.70 3.93
CA TYR A 99 15.44 0.65 2.95
C TYR A 99 16.49 -0.44 2.95
N LEU A 100 17.77 -0.07 2.95
CA LEU A 100 18.82 -1.08 2.91
C LEU A 100 18.86 -1.89 4.19
N VAL A 101 18.60 -1.26 5.34
CA VAL A 101 18.63 -2.01 6.58
C VAL A 101 17.48 -3.02 6.63
N ALA A 102 16.28 -2.61 6.20
CA ALA A 102 15.17 -3.57 6.18
C ALA A 102 15.43 -4.68 5.17
N LEU A 103 16.04 -4.34 4.04
CA LEU A 103 16.38 -5.35 3.04
C LEU A 103 17.39 -6.35 3.58
N PHE A 104 18.35 -5.88 4.38
CA PHE A 104 19.33 -6.79 4.95
C PHE A 104 18.71 -7.67 6.04
N GLU A 105 17.74 -7.14 6.78
CA GLU A 105 16.98 -7.99 7.72
C GLU A 105 16.26 -9.12 6.99
N ASP A 106 15.54 -8.79 5.91
CA ASP A 106 14.84 -9.83 5.15
C ASP A 106 15.82 -10.81 4.51
N THR A 107 16.96 -10.30 4.06
CA THR A 107 17.99 -11.15 3.47
C THR A 107 18.56 -12.11 4.52
N ASN A 108 18.73 -11.64 5.76
CA ASN A 108 19.19 -12.50 6.83
C ASN A 108 18.18 -13.61 7.11
N LEU A 109 16.89 -13.30 7.09
CA LEU A 109 15.90 -14.37 7.26
C LEU A 109 15.96 -15.38 6.13
N CYS A 110 16.11 -14.91 4.90
CA CYS A 110 16.22 -15.83 3.78
C CYS A 110 17.45 -16.72 3.90
N ALA A 111 18.58 -16.16 4.35
CA ALA A 111 19.82 -16.94 4.47
C ALA A 111 19.70 -17.97 5.59
N ILE A 112 19.15 -17.57 6.73
CA ILE A 112 18.95 -18.50 7.84
C ILE A 112 17.99 -19.60 7.44
N HIS A 113 17.01 -19.29 6.59
CA HIS A 113 16.09 -20.32 6.10
C HIS A 113 16.85 -21.43 5.40
N ALA A 114 17.89 -21.09 4.65
CA ALA A 114 18.69 -22.12 4.01
C ALA A 114 19.77 -22.67 4.92
N LYS A 115 19.62 -22.51 6.24
CA LYS A 115 20.53 -23.10 7.23
C LYS A 115 21.95 -22.56 7.11
N ARG A 116 22.08 -21.31 6.67
CA ARG A 116 23.37 -20.63 6.58
C ARG A 116 23.39 -19.44 7.53
N VAL A 117 24.59 -18.94 7.79
CA VAL A 117 24.76 -17.66 8.47
C VAL A 117 25.34 -16.59 7.58
N THR A 118 25.53 -16.87 6.30
CA THR A 118 26.17 -15.95 5.38
C THR A 118 25.14 -15.51 4.35
N ILE A 119 24.90 -14.21 4.25
CA ILE A 119 23.96 -13.72 3.27
C ILE A 119 24.62 -13.72 1.90
N MET A 120 23.85 -14.04 0.88
CA MET A 120 24.35 -14.16 -0.47
C MET A 120 23.46 -13.37 -1.41
N PRO A 121 23.94 -13.03 -2.60
CA PRO A 121 23.10 -12.31 -3.57
C PRO A 121 21.77 -13.00 -3.82
N LYS A 122 21.73 -14.33 -3.80
CA LYS A 122 20.48 -15.05 -4.00
C LYS A 122 19.52 -14.83 -2.85
N ASP A 123 20.03 -14.60 -1.63
CA ASP A 123 19.15 -14.22 -0.53
C ASP A 123 18.50 -12.87 -0.78
N ILE A 124 19.29 -11.90 -1.26
CA ILE A 124 18.74 -10.59 -1.60
C ILE A 124 17.69 -10.73 -2.69
N GLN A 125 17.99 -11.51 -3.72
CA GLN A 125 17.05 -11.66 -4.82
C GLN A 125 15.76 -12.33 -4.35
N LEU A 126 15.86 -13.34 -3.48
CA LEU A 126 14.66 -13.97 -2.96
C LEU A 126 13.83 -12.99 -2.14
N ALA A 127 14.47 -12.24 -1.24
CA ALA A 127 13.74 -11.28 -0.43
C ALA A 127 13.02 -10.25 -1.31
N ARG A 128 13.72 -9.72 -2.32
CA ARG A 128 13.11 -8.71 -3.17
C ARG A 128 12.04 -9.30 -4.07
N ARG A 129 12.16 -10.58 -4.44
CA ARG A 129 11.11 -11.23 -5.22
C ARG A 129 9.87 -11.44 -4.36
N ILE A 130 10.03 -11.86 -3.11
CA ILE A 130 8.86 -12.04 -2.25
C ILE A 130 8.20 -10.69 -1.98
N ARG A 131 9.00 -9.65 -1.77
CA ARG A 131 8.45 -8.32 -1.58
C ARG A 131 7.66 -7.86 -2.79
N GLY A 132 8.07 -8.26 -3.98
CA GLY A 132 7.43 -7.83 -5.21
C GLY A 132 8.18 -6.69 -5.86
N GLU A 133 9.49 -6.85 -6.02
CA GLU A 133 10.30 -5.80 -6.63
C GLU A 133 11.05 -6.33 -7.85
N ASP B 24 31.26 7.62 -12.14
CA ASP B 24 31.77 6.52 -11.32
C ASP B 24 31.68 6.87 -9.84
N ASN B 25 30.60 7.54 -9.45
CA ASN B 25 30.45 7.94 -8.06
C ASN B 25 29.76 6.88 -7.22
N ILE B 26 29.18 5.85 -7.84
CA ILE B 26 28.55 4.78 -7.06
C ILE B 26 29.60 4.01 -6.28
N GLN B 27 30.82 3.93 -6.80
CA GLN B 27 31.91 3.29 -6.07
C GLN B 27 32.29 4.05 -4.81
N GLY B 28 31.81 5.29 -4.66
CA GLY B 28 31.98 6.01 -3.42
C GLY B 28 31.14 5.46 -2.29
N ILE B 29 30.19 4.58 -2.61
CA ILE B 29 29.48 3.85 -1.57
C ILE B 29 30.29 2.61 -1.28
N THR B 30 31.14 2.70 -0.26
CA THR B 30 32.21 1.74 -0.05
C THR B 30 31.72 0.46 0.63
N LYS B 31 32.56 -0.56 0.57
CA LYS B 31 32.33 -1.83 1.25
C LYS B 31 32.11 -1.73 2.76
N PRO B 32 32.89 -0.95 3.53
CA PRO B 32 32.57 -0.81 4.96
C PRO B 32 31.22 -0.19 5.24
N ALA B 33 30.74 0.72 4.39
CA ALA B 33 29.41 1.29 4.61
C ALA B 33 28.33 0.23 4.47
N ILE B 34 28.45 -0.63 3.44
CA ILE B 34 27.49 -1.71 3.26
C ILE B 34 27.57 -2.69 4.43
N ARG B 35 28.78 -2.94 4.94
CA ARG B 35 28.89 -3.81 6.09
C ARG B 35 28.22 -3.21 7.32
N ARG B 36 28.35 -1.90 7.52
CA ARG B 36 27.68 -1.29 8.65
C ARG B 36 26.17 -1.38 8.50
N LEU B 37 25.66 -1.19 7.28
CA LEU B 37 24.23 -1.34 7.06
C LEU B 37 23.76 -2.76 7.36
N ALA B 38 24.51 -3.76 6.91
CA ALA B 38 24.12 -5.15 7.16
C ALA B 38 24.21 -5.49 8.64
N ARG B 39 25.17 -4.89 9.35
CA ARG B 39 25.25 -5.09 10.80
C ARG B 39 24.04 -4.51 11.48
N ARG B 40 23.60 -3.33 11.07
CA ARG B 40 22.37 -2.78 11.63
C ARG B 40 21.18 -3.67 11.28
N GLY B 41 21.22 -4.36 10.16
CA GLY B 41 20.22 -5.36 9.81
C GLY B 41 20.35 -6.69 10.50
N GLY B 42 21.29 -6.82 11.43
CA GLY B 42 21.49 -8.04 12.18
C GLY B 42 22.30 -9.11 11.49
N VAL B 43 22.87 -8.84 10.32
CA VAL B 43 23.62 -9.85 9.59
C VAL B 43 24.96 -10.06 10.26
N LYS B 44 25.37 -11.32 10.39
CA LYS B 44 26.61 -11.67 11.05
C LYS B 44 27.76 -11.97 10.10
N ARG B 45 27.50 -12.53 8.94
CA ARG B 45 28.55 -12.93 8.02
C ARG B 45 28.12 -12.56 6.61
N ILE B 46 29.02 -11.95 5.84
CA ILE B 46 28.63 -11.27 4.61
C ILE B 46 29.52 -11.78 3.46
N SER B 47 28.89 -12.36 2.44
CA SER B 47 29.59 -12.74 1.23
C SER B 47 30.26 -11.54 0.58
N GLY B 48 31.37 -11.81 -0.12
CA GLY B 48 32.06 -10.76 -0.84
C GLY B 48 31.31 -10.25 -2.05
N LEU B 49 30.36 -11.01 -2.58
CA LEU B 49 29.57 -10.60 -3.73
C LEU B 49 28.38 -9.73 -3.33
N ILE B 50 28.13 -9.56 -2.03
CA ILE B 50 26.98 -8.80 -1.58
C ILE B 50 27.10 -7.33 -1.94
N TYR B 51 28.33 -6.83 -2.04
CA TYR B 51 28.51 -5.39 -2.14
C TYR B 51 28.08 -4.85 -3.50
N GLU B 52 28.41 -5.54 -4.59
CA GLU B 52 27.94 -5.06 -5.90
C GLU B 52 26.44 -5.17 -6.04
N GLU B 53 25.85 -6.25 -5.54
CA GLU B 53 24.38 -6.37 -5.56
C GLU B 53 23.74 -5.24 -4.78
N THR B 54 24.30 -4.91 -3.61
CA THR B 54 23.75 -3.84 -2.80
C THR B 54 23.88 -2.49 -3.50
N ARG B 55 25.01 -2.25 -4.18
CA ARG B 55 25.13 -1.01 -4.95
C ARG B 55 24.08 -0.93 -6.04
N GLY B 56 23.85 -2.02 -6.77
CA GLY B 56 22.80 -2.02 -7.78
C GLY B 56 21.43 -1.74 -7.19
N VAL B 57 21.14 -2.35 -6.04
CA VAL B 57 19.86 -2.14 -5.37
C VAL B 57 19.69 -0.68 -4.98
N LEU B 58 20.72 -0.11 -4.37
CA LEU B 58 20.64 1.28 -3.93
C LEU B 58 20.49 2.22 -5.11
N LYS B 59 21.16 1.94 -6.22
CA LYS B 59 21.02 2.79 -7.38
C LYS B 59 19.62 2.72 -7.97
N VAL B 60 19.02 1.53 -8.03
CA VAL B 60 17.65 1.42 -8.54
C VAL B 60 16.69 2.19 -7.63
N PHE B 61 16.83 2.02 -6.31
CA PHE B 61 15.97 2.72 -5.37
C PHE B 61 16.09 4.23 -5.54
N LEU B 62 17.33 4.73 -5.60
CA LEU B 62 17.54 6.16 -5.74
C LEU B 62 16.99 6.65 -7.07
N GLU B 63 17.11 5.83 -8.13
CA GLU B 63 16.57 6.22 -9.41
C GLU B 63 15.06 6.43 -9.34
N ASN B 64 14.34 5.50 -8.69
CA ASN B 64 12.89 5.67 -8.56
C ASN B 64 12.53 6.91 -7.76
N VAL B 65 13.13 7.06 -6.58
CA VAL B 65 12.78 8.18 -5.71
C VAL B 65 13.12 9.50 -6.39
N ILE B 66 14.29 9.59 -7.02
CA ILE B 66 14.73 10.84 -7.60
C ILE B 66 13.93 11.16 -8.86
N ARG B 67 13.51 10.15 -9.63
CA ARG B 67 12.63 10.42 -10.74
C ARG B 67 11.35 11.08 -10.27
N ASP B 68 10.74 10.53 -9.21
CA ASP B 68 9.52 11.16 -8.71
C ASP B 68 9.80 12.55 -8.13
N ALA B 69 10.92 12.71 -7.42
CA ALA B 69 11.21 14.01 -6.82
C ALA B 69 11.43 15.07 -7.87
N VAL B 70 12.15 14.76 -8.95
CA VAL B 70 12.37 15.74 -9.99
C VAL B 70 11.08 15.99 -10.77
N THR B 71 10.19 15.00 -10.88
CA THR B 71 8.87 15.28 -11.46
C THR B 71 8.11 16.30 -10.62
N TYR B 72 8.12 16.14 -9.30
CA TYR B 72 7.50 17.12 -8.43
C TYR B 72 8.16 18.49 -8.59
N THR B 73 9.48 18.52 -8.66
CA THR B 73 10.20 19.79 -8.83
C THR B 73 9.81 20.47 -10.13
N GLU B 74 9.73 19.71 -11.22
CA GLU B 74 9.38 20.27 -12.50
C GLU B 74 7.96 20.80 -12.50
N HIS B 75 7.03 20.08 -11.86
CA HIS B 75 5.67 20.59 -11.77
C HIS B 75 5.62 21.94 -11.05
N ALA B 76 6.37 22.09 -9.96
CA ALA B 76 6.44 23.38 -9.29
C ALA B 76 7.21 24.44 -10.06
N LYS B 77 7.73 24.12 -11.25
CA LYS B 77 8.54 25.04 -12.06
C LYS B 77 9.78 25.54 -11.33
N ARG B 78 10.26 24.79 -10.33
CA ARG B 78 11.46 25.14 -9.59
C ARG B 78 12.71 24.57 -10.23
N LYS B 79 13.87 25.06 -9.79
CA LYS B 79 15.13 24.47 -10.19
C LYS B 79 15.91 23.82 -9.05
N THR B 80 15.34 23.77 -7.85
CA THR B 80 16.01 23.23 -6.67
C THR B 80 15.12 22.13 -6.13
N VAL B 81 15.67 20.92 -6.03
CA VAL B 81 14.93 19.84 -5.39
C VAL B 81 14.87 20.10 -3.89
N THR B 82 13.66 20.12 -3.36
CA THR B 82 13.45 20.40 -1.95
C THR B 82 13.20 19.12 -1.19
N ALA B 83 13.36 19.21 0.14
CA ALA B 83 13.05 18.09 1.02
C ALA B 83 11.60 17.63 0.89
N MET B 84 10.69 18.56 0.61
CA MET B 84 9.30 18.19 0.43
C MET B 84 9.08 17.38 -0.85
N ASP B 85 9.82 17.69 -1.91
CA ASP B 85 9.73 16.87 -3.12
C ASP B 85 10.11 15.42 -2.82
N VAL B 86 11.20 15.23 -2.08
CA VAL B 86 11.62 13.89 -1.70
C VAL B 86 10.59 13.21 -0.82
N VAL B 87 10.01 13.94 0.13
CA VAL B 87 9.07 13.30 1.06
C VAL B 87 7.81 12.89 0.32
N TYR B 88 7.34 13.71 -0.62
CA TYR B 88 6.18 13.35 -1.41
C TYR B 88 6.47 12.17 -2.32
N ALA B 89 7.67 12.14 -2.93
CA ALA B 89 8.05 11.00 -3.74
C ALA B 89 8.03 9.72 -2.93
N LEU B 90 8.62 9.74 -1.74
CA LEU B 90 8.66 8.56 -0.90
C LEU B 90 7.27 8.12 -0.49
N LYS B 91 6.42 9.06 -0.06
CA LYS B 91 5.06 8.73 0.35
C LYS B 91 4.25 8.15 -0.81
N ARG B 92 4.49 8.62 -2.03
CA ARG B 92 3.79 8.06 -3.18
C ARG B 92 4.16 6.61 -3.41
N GLN B 93 5.43 6.27 -3.18
CA GLN B 93 5.93 4.91 -3.29
C GLN B 93 5.66 4.08 -2.03
N GLY B 94 4.77 4.55 -1.17
CA GLY B 94 4.42 3.78 0.02
C GLY B 94 5.52 3.74 1.04
N ARG B 95 6.34 4.77 1.12
CA ARG B 95 7.45 4.84 2.05
C ARG B 95 7.44 6.15 2.82
N THR B 96 6.28 6.47 3.39
CA THR B 96 6.08 7.66 4.18
C THR B 96 7.27 7.87 5.12
N LEU B 97 7.74 9.11 5.23
CA LEU B 97 8.92 9.41 6.01
C LEU B 97 8.62 10.56 6.97
N TYR B 98 8.67 10.27 8.27
CA TYR B 98 8.48 11.28 9.29
C TYR B 98 9.82 11.95 9.60
N GLY B 99 9.77 13.20 10.01
CA GLY B 99 10.94 13.91 10.47
C GLY B 99 11.54 14.91 9.52
N PHE B 100 10.86 15.25 8.43
CA PHE B 100 11.34 16.25 7.49
C PHE B 100 10.22 17.17 7.03
N GLY B 101 9.18 17.34 7.85
CA GLY B 101 8.07 18.19 7.51
C GLY B 101 6.88 17.44 6.95
N THR C 16 -20.81 17.03 -28.61
CA THR C 16 -20.20 16.53 -27.38
C THR C 16 -18.75 16.95 -27.28
N ARG C 17 -18.27 17.14 -26.05
CA ARG C 17 -16.87 17.48 -25.86
C ARG C 17 -15.94 16.33 -26.27
N SER C 18 -16.44 15.10 -26.23
CA SER C 18 -15.63 13.97 -26.70
C SER C 18 -15.33 14.07 -28.19
N SER C 19 -16.27 14.59 -28.97
CA SER C 19 -16.01 14.73 -30.40
C SER C 19 -15.05 15.88 -30.67
N ARG C 20 -15.15 16.95 -29.89
CA ARG C 20 -14.21 18.05 -30.05
C ARG C 20 -12.80 17.61 -29.69
N ALA C 21 -12.66 16.79 -28.65
CA ALA C 21 -11.35 16.28 -28.26
C ALA C 21 -10.91 15.07 -29.06
N GLY C 22 -11.76 14.53 -29.95
CA GLY C 22 -11.44 13.32 -30.69
C GLY C 22 -11.27 12.09 -29.84
N LEU C 23 -12.23 11.81 -28.96
CA LEU C 23 -12.14 10.70 -28.02
C LEU C 23 -13.36 9.78 -28.13
N GLN C 24 -13.22 8.61 -27.54
CA GLN C 24 -14.35 7.71 -27.36
C GLN C 24 -14.86 7.72 -25.93
N PHE C 25 -14.05 8.21 -24.98
CA PHE C 25 -14.42 8.30 -23.58
C PHE C 25 -15.15 9.62 -23.32
N PRO C 26 -16.07 9.64 -22.37
CA PRO C 26 -16.98 10.77 -22.20
C PRO C 26 -16.27 11.93 -21.52
N VAL C 27 -15.93 12.96 -22.30
CA VAL C 27 -15.27 14.09 -21.68
C VAL C 27 -16.21 14.79 -20.70
N GLY C 28 -17.47 14.93 -21.08
CA GLY C 28 -18.42 15.58 -20.19
C GLY C 28 -18.71 14.80 -18.92
N ARG C 29 -18.91 13.49 -19.05
CA ARG C 29 -19.14 12.66 -17.89
C ARG C 29 -17.92 12.61 -16.97
N VAL C 30 -16.71 12.55 -17.55
CA VAL C 30 -15.51 12.59 -16.73
C VAL C 30 -15.40 13.91 -16.01
N HIS C 31 -15.75 15.01 -16.71
CA HIS C 31 -15.75 16.32 -16.07
C HIS C 31 -16.72 16.36 -14.90
N ARG C 32 -17.91 15.80 -15.08
CA ARG C 32 -18.87 15.78 -13.99
C ARG C 32 -18.36 14.96 -12.82
N LEU C 33 -17.78 13.78 -13.12
CA LEU C 33 -17.25 12.95 -12.05
C LEU C 33 -16.08 13.62 -11.33
N LEU C 34 -15.30 14.45 -12.04
CA LEU C 34 -14.24 15.19 -11.37
C LEU C 34 -14.81 16.29 -10.49
N ARG C 35 -15.80 17.03 -11.00
CA ARG C 35 -16.38 18.11 -10.23
C ARG C 35 -17.09 17.57 -8.99
N LYS C 36 -17.73 16.41 -9.10
CA LYS C 36 -18.52 15.88 -7.99
C LYS C 36 -17.78 14.77 -7.25
N GLY C 37 -16.47 14.65 -7.48
CA GLY C 37 -15.67 13.63 -6.85
C GLY C 37 -14.85 14.16 -5.71
N ASN C 38 -14.99 15.45 -5.41
CA ASN C 38 -14.22 16.13 -4.37
C ASN C 38 -12.72 16.02 -4.63
N TYR C 39 -12.29 16.50 -5.79
CA TYR C 39 -10.88 16.49 -6.13
C TYR C 39 -10.22 17.87 -6.03
N ALA C 40 -10.96 18.93 -6.34
CA ALA C 40 -10.43 20.28 -6.19
C ALA C 40 -11.61 21.25 -6.15
N GLU C 41 -11.32 22.50 -5.85
CA GLU C 41 -12.37 23.50 -5.86
C GLU C 41 -12.86 23.76 -7.28
N ARG C 42 -11.93 23.73 -8.24
CA ARG C 42 -12.23 24.02 -9.63
C ARG C 42 -11.54 22.98 -10.49
N VAL C 43 -12.06 22.77 -11.69
CA VAL C 43 -11.48 21.86 -12.66
C VAL C 43 -11.28 22.64 -13.95
N GLY C 44 -10.05 22.65 -14.45
CA GLY C 44 -9.79 23.31 -15.70
C GLY C 44 -10.44 22.60 -16.87
N ALA C 45 -10.55 23.30 -17.99
CA ALA C 45 -11.22 22.73 -19.15
C ALA C 45 -10.41 21.61 -19.79
N GLY C 46 -9.07 21.67 -19.68
CA GLY C 46 -8.25 20.65 -20.28
C GLY C 46 -8.03 19.42 -19.43
N ALA C 47 -8.28 19.52 -18.12
CA ALA C 47 -8.12 18.37 -17.24
C ALA C 47 -8.98 17.18 -17.65
N PRO C 48 -10.31 17.33 -17.86
CA PRO C 48 -11.09 16.15 -18.25
C PRO C 48 -10.70 15.62 -19.61
N VAL C 49 -10.28 16.48 -20.53
CA VAL C 49 -9.86 16.03 -21.85
C VAL C 49 -8.62 15.16 -21.73
N TYR C 50 -7.61 15.65 -21.03
CA TYR C 50 -6.38 14.89 -20.82
C TYR C 50 -6.68 13.57 -20.11
N LEU C 51 -7.54 13.60 -19.08
CA LEU C 51 -7.83 12.40 -18.32
C LEU C 51 -8.61 11.38 -19.15
N ALA C 52 -9.55 11.84 -19.97
CA ALA C 52 -10.26 10.90 -20.82
C ALA C 52 -9.33 10.29 -21.84
N ALA C 53 -8.40 11.07 -22.40
CA ALA C 53 -7.43 10.51 -23.33
C ALA C 53 -6.56 9.44 -22.67
N VAL C 54 -6.08 9.69 -21.44
CA VAL C 54 -5.22 8.69 -20.81
C VAL C 54 -6.01 7.43 -20.48
N LEU C 55 -7.21 7.59 -19.92
CA LEU C 55 -8.03 6.43 -19.61
C LEU C 55 -8.33 5.62 -20.86
N GLU C 56 -8.60 6.30 -21.97
CA GLU C 56 -8.87 5.59 -23.22
C GLU C 56 -7.65 4.84 -23.71
N TYR C 57 -6.47 5.44 -23.55
CA TYR C 57 -5.24 4.77 -23.99
C TYR C 57 -4.98 3.50 -23.17
N LEU C 58 -5.11 3.59 -21.84
CA LEU C 58 -4.87 2.41 -21.01
C LEU C 58 -5.89 1.31 -21.28
N THR C 59 -7.15 1.70 -21.49
CA THR C 59 -8.18 0.74 -21.84
C THR C 59 -7.85 0.05 -23.16
N ALA C 60 -7.43 0.83 -24.16
CA ALA C 60 -7.12 0.26 -25.47
C ALA C 60 -5.93 -0.69 -25.39
N GLU C 61 -4.94 -0.38 -24.56
CA GLU C 61 -3.80 -1.27 -24.39
C GLU C 61 -4.23 -2.61 -23.83
N ILE C 62 -4.98 -2.56 -22.71
CA ILE C 62 -5.43 -3.81 -22.10
C ILE C 62 -6.31 -4.60 -23.07
N LEU C 63 -7.21 -3.92 -23.79
CA LEU C 63 -8.12 -4.64 -24.66
C LEU C 63 -7.39 -5.27 -25.85
N GLU C 64 -6.36 -4.61 -26.37
CA GLU C 64 -5.56 -5.20 -27.43
C GLU C 64 -4.86 -6.47 -26.96
N LEU C 65 -4.17 -6.38 -25.83
CA LEU C 65 -3.48 -7.56 -25.31
C LEU C 65 -4.46 -8.68 -24.98
N ALA C 66 -5.61 -8.31 -24.44
CA ALA C 66 -6.59 -9.32 -24.05
C ALA C 66 -7.21 -9.98 -25.27
N GLY C 67 -7.37 -9.25 -26.37
CA GLY C 67 -7.85 -9.89 -27.59
C GLY C 67 -6.83 -10.85 -28.15
N ASN C 68 -5.54 -10.49 -28.08
CA ASN C 68 -4.50 -11.46 -28.41
C ASN C 68 -4.59 -12.71 -27.53
N ALA C 69 -4.77 -12.54 -26.22
CA ALA C 69 -4.83 -13.70 -25.32
C ALA C 69 -6.06 -14.54 -25.58
N ALA C 70 -7.16 -13.90 -25.97
CA ALA C 70 -8.36 -14.64 -26.34
C ALA C 70 -8.09 -15.45 -27.60
N ARG C 71 -7.40 -14.84 -28.58
CA ARG C 71 -7.07 -15.60 -29.78
C ARG C 71 -6.14 -16.76 -29.43
N ASP C 72 -5.27 -16.56 -28.44
CA ASP C 72 -4.35 -17.61 -28.00
C ASP C 72 -5.06 -18.70 -27.20
N ASN C 73 -6.33 -18.53 -26.88
CA ASN C 73 -7.12 -19.60 -26.28
C ASN C 73 -8.19 -20.10 -27.24
N LYS C 74 -8.06 -19.74 -28.52
CA LYS C 74 -9.00 -20.09 -29.58
C LYS C 74 -10.39 -19.52 -29.31
N LYS C 75 -10.46 -18.48 -28.50
CA LYS C 75 -11.70 -17.79 -28.24
C LYS C 75 -11.76 -16.54 -29.12
N THR C 76 -12.97 -16.12 -29.46
CA THR C 76 -13.19 -14.89 -30.19
C THR C 76 -13.77 -13.80 -29.29
N ARG C 77 -14.23 -14.16 -28.09
CA ARG C 77 -14.82 -13.26 -27.13
C ARG C 77 -13.93 -13.25 -25.89
N ILE C 78 -13.56 -12.06 -25.43
CA ILE C 78 -12.76 -11.89 -24.22
C ILE C 78 -13.51 -12.32 -22.98
N ILE C 79 -12.82 -13.03 -22.09
CA ILE C 79 -13.34 -13.44 -20.78
C ILE C 79 -12.32 -13.02 -19.72
N PRO C 80 -12.64 -13.07 -18.43
CA PRO C 80 -11.64 -12.68 -17.40
C PRO C 80 -10.30 -13.38 -17.50
N ARG C 81 -10.28 -14.64 -17.94
CA ARG C 81 -9.02 -15.35 -18.11
C ARG C 81 -8.12 -14.65 -19.12
N HIS C 82 -8.72 -14.18 -20.22
CA HIS C 82 -7.95 -13.49 -21.23
C HIS C 82 -7.40 -12.18 -20.68
N LEU C 83 -8.20 -11.46 -19.88
CA LEU C 83 -7.72 -10.24 -19.24
C LEU C 83 -6.55 -10.50 -18.31
N GLN C 84 -6.63 -11.56 -17.50
CA GLN C 84 -5.54 -11.83 -16.56
C GLN C 84 -4.27 -12.22 -17.30
N LEU C 85 -4.39 -13.04 -18.35
CA LEU C 85 -3.23 -13.36 -19.15
C LEU C 85 -2.61 -12.10 -19.73
N ALA C 86 -3.45 -11.23 -20.30
CA ALA C 86 -2.95 -9.97 -20.85
C ALA C 86 -2.20 -9.16 -19.80
N VAL C 87 -2.81 -8.96 -18.63
CA VAL C 87 -2.21 -8.09 -17.62
C VAL C 87 -0.90 -8.67 -17.11
N ARG C 88 -0.90 -9.93 -16.71
CA ARG C 88 0.28 -10.54 -16.11
C ARG C 88 1.38 -10.87 -17.10
N ASN C 89 1.10 -10.90 -18.41
CA ASN C 89 2.17 -11.11 -19.37
C ASN C 89 2.85 -9.81 -19.79
N ASP C 90 2.16 -8.69 -19.74
CA ASP C 90 2.78 -7.41 -20.06
C ASP C 90 3.42 -6.81 -18.81
N GLU C 91 4.66 -6.36 -18.94
CA GLU C 91 5.45 -5.97 -17.78
C GLU C 91 4.92 -4.69 -17.15
N GLU C 92 4.62 -3.68 -17.96
CA GLU C 92 4.19 -2.39 -17.42
C GLU C 92 2.77 -2.44 -16.90
N LEU C 93 1.88 -3.19 -17.56
CA LEU C 93 0.54 -3.36 -17.02
C LEU C 93 0.59 -4.15 -15.72
N ASN C 94 1.48 -5.12 -15.63
CA ASN C 94 1.65 -5.88 -14.39
C ASN C 94 2.19 -4.99 -13.29
N LYS C 95 2.98 -3.98 -13.65
CA LYS C 95 3.42 -3.04 -12.62
C LYS C 95 2.26 -2.14 -12.20
N LEU C 96 1.46 -1.68 -13.16
CA LEU C 96 0.32 -0.82 -12.84
C LEU C 96 -0.75 -1.56 -12.03
N LEU C 97 -0.99 -2.82 -12.36
CA LEU C 97 -1.95 -3.67 -11.65
C LEU C 97 -1.30 -4.68 -10.73
N GLY C 98 -0.24 -4.29 -10.02
CA GLY C 98 0.50 -5.23 -9.21
C GLY C 98 -0.29 -5.83 -8.07
N ARG C 99 -1.13 -5.03 -7.41
CA ARG C 99 -1.94 -5.52 -6.30
C ARG C 99 -3.42 -5.60 -6.64
N VAL C 100 -3.74 -5.96 -7.88
CA VAL C 100 -5.12 -6.17 -8.32
C VAL C 100 -5.35 -7.65 -8.56
N THR C 101 -6.50 -8.14 -8.15
CA THR C 101 -6.94 -9.50 -8.40
C THR C 101 -8.09 -9.47 -9.40
N ILE C 102 -7.93 -10.18 -10.51
CA ILE C 102 -8.97 -10.30 -11.53
C ILE C 102 -9.78 -11.55 -11.25
N ALA C 103 -11.08 -11.36 -11.01
CA ALA C 103 -11.93 -12.49 -10.68
C ALA C 103 -12.03 -13.41 -11.88
N GLN C 104 -11.93 -14.72 -11.62
CA GLN C 104 -11.96 -15.76 -12.65
C GLN C 104 -10.78 -15.66 -13.60
N GLY C 105 -9.70 -15.04 -13.14
CA GLY C 105 -8.54 -14.82 -13.99
C GLY C 105 -7.55 -15.97 -13.95
N GLY C 106 -7.58 -16.74 -12.86
CA GLY C 106 -6.60 -17.80 -12.74
C GLY C 106 -5.22 -17.25 -12.46
N VAL C 107 -4.20 -18.02 -12.84
CA VAL C 107 -2.81 -17.61 -12.67
C VAL C 107 -2.11 -17.94 -13.97
N LEU C 108 -0.83 -17.60 -14.04
CA LEU C 108 -0.05 -17.97 -15.21
C LEU C 108 0.51 -19.38 -15.03
N PRO C 109 0.62 -20.16 -16.11
CA PRO C 109 1.17 -21.51 -16.01
C PRO C 109 2.68 -21.50 -15.81
N ASN C 110 3.10 -21.43 -14.55
CA ASN C 110 4.52 -21.31 -14.23
C ASN C 110 4.92 -22.41 -13.25
N ILE C 111 5.79 -23.30 -13.69
CA ILE C 111 6.36 -24.36 -12.84
C ILE C 111 7.85 -24.10 -12.70
N GLN C 112 8.32 -24.08 -11.47
CA GLN C 112 9.74 -23.88 -11.19
C GLN C 112 10.58 -25.03 -11.76
N SER C 113 11.65 -24.66 -12.47
CA SER C 113 12.40 -25.65 -13.23
C SER C 113 13.03 -26.72 -12.34
N VAL C 114 13.27 -26.40 -11.06
CA VAL C 114 13.83 -27.37 -10.14
C VAL C 114 12.85 -28.48 -9.80
N LEU C 115 11.56 -28.30 -10.14
CA LEU C 115 10.55 -29.30 -9.85
C LEU C 115 10.34 -30.26 -11.01
N LEU C 116 10.85 -29.93 -12.19
CA LEU C 116 10.63 -30.75 -13.35
C LEU C 116 11.42 -32.06 -13.22
N PRO C 117 10.95 -33.13 -13.87
CA PRO C 117 11.64 -34.43 -13.85
C PRO C 117 13.07 -34.33 -14.38
N THR D 29 -33.51 1.69 -10.32
CA THR D 29 -32.85 2.98 -10.50
C THR D 29 -31.69 2.82 -11.49
N ARG D 30 -31.57 3.79 -12.39
CA ARG D 30 -30.60 3.71 -13.49
C ARG D 30 -29.18 3.85 -12.96
N LYS D 31 -28.27 3.03 -13.48
CA LYS D 31 -26.90 2.97 -12.98
C LYS D 31 -25.91 3.18 -14.12
N GLU D 32 -25.19 4.30 -14.10
CA GLU D 32 -24.29 4.64 -15.17
C GLU D 32 -23.01 3.81 -15.04
N SER D 33 -22.50 3.37 -16.18
CA SER D 33 -21.24 2.63 -16.23
C SER D 33 -20.43 3.10 -17.43
N TYR D 34 -19.24 2.53 -17.56
CA TYR D 34 -18.36 2.81 -18.68
C TYR D 34 -18.45 1.76 -19.77
N ALA D 35 -19.52 0.96 -19.78
CA ALA D 35 -19.54 -0.22 -20.62
C ALA D 35 -19.49 0.12 -22.10
N ILE D 36 -20.29 1.11 -22.53
CA ILE D 36 -20.34 1.44 -23.95
C ILE D 36 -19.02 2.03 -24.44
N TYR D 37 -18.30 2.76 -23.59
CA TYR D 37 -17.04 3.34 -24.04
C TYR D 37 -15.97 2.28 -24.18
N VAL D 38 -15.88 1.37 -23.20
CA VAL D 38 -15.00 0.23 -23.29
C VAL D 38 -15.34 -0.62 -24.51
N TYR D 39 -16.63 -0.74 -24.82
CA TYR D 39 -17.06 -1.55 -25.95
C TYR D 39 -16.72 -0.89 -27.27
N LYS D 40 -16.84 0.43 -27.34
CA LYS D 40 -16.42 1.16 -28.53
C LYS D 40 -14.92 1.01 -28.75
N VAL D 41 -14.14 1.13 -27.68
CA VAL D 41 -12.70 0.97 -27.79
C VAL D 41 -12.35 -0.45 -28.24
N LEU D 42 -13.09 -1.45 -27.75
CA LEU D 42 -12.82 -2.82 -28.16
C LEU D 42 -13.13 -3.04 -29.63
N LYS D 43 -14.25 -2.48 -30.12
CA LYS D 43 -14.57 -2.60 -31.54
C LYS D 43 -13.65 -1.77 -32.41
N GLN D 44 -12.96 -0.79 -31.82
CA GLN D 44 -11.93 -0.06 -32.54
C GLN D 44 -10.65 -0.86 -32.68
N VAL D 45 -10.16 -1.44 -31.58
CA VAL D 45 -8.86 -2.09 -31.61
C VAL D 45 -8.97 -3.49 -32.18
N HIS D 46 -10.08 -4.18 -31.96
CA HIS D 46 -10.29 -5.53 -32.48
C HIS D 46 -11.71 -5.58 -33.01
N PRO D 47 -11.92 -5.25 -34.29
CA PRO D 47 -13.29 -5.09 -34.78
C PRO D 47 -14.13 -6.34 -34.65
N ASP D 48 -13.51 -7.51 -34.54
CA ASP D 48 -14.26 -8.75 -34.49
C ASP D 48 -14.33 -9.30 -33.07
N THR D 49 -13.49 -8.74 -32.17
CA THR D 49 -13.45 -9.30 -30.83
C THR D 49 -14.54 -8.68 -29.98
N GLY D 50 -15.18 -9.51 -29.16
CA GLY D 50 -16.13 -9.08 -28.16
C GLY D 50 -15.60 -9.20 -26.75
N ILE D 51 -16.52 -9.11 -25.80
CA ILE D 51 -16.18 -9.12 -24.39
C ILE D 51 -17.38 -9.62 -23.61
N SER D 52 -17.13 -10.45 -22.61
CA SER D 52 -18.19 -10.99 -21.78
C SER D 52 -18.64 -9.96 -20.74
N SER D 53 -19.78 -10.24 -20.13
CA SER D 53 -20.30 -9.34 -19.10
C SER D 53 -19.36 -9.29 -17.91
N LYS D 54 -18.76 -10.43 -17.55
CA LYS D 54 -17.82 -10.44 -16.44
C LYS D 54 -16.54 -9.69 -16.80
N ALA D 55 -16.06 -9.88 -18.03
CA ALA D 55 -14.88 -9.15 -18.46
C ALA D 55 -15.18 -7.66 -18.61
N MET D 56 -16.39 -7.31 -19.03
CA MET D 56 -16.77 -5.90 -19.08
C MET D 56 -16.85 -5.31 -17.68
N SER D 57 -17.32 -6.09 -16.71
CA SER D 57 -17.34 -5.62 -15.33
C SER D 57 -15.92 -5.38 -14.83
N ILE D 58 -14.99 -6.27 -15.20
CA ILE D 58 -13.59 -6.08 -14.85
C ILE D 58 -13.05 -4.82 -15.49
N MET D 59 -13.38 -4.59 -16.76
CA MET D 59 -12.91 -3.38 -17.45
C MET D 59 -13.48 -2.12 -16.78
N ASN D 60 -14.74 -2.18 -16.37
CA ASN D 60 -15.35 -1.03 -15.70
C ASN D 60 -14.62 -0.75 -14.39
N SER D 61 -14.33 -1.79 -13.62
CA SER D 61 -13.58 -1.57 -12.39
C SER D 61 -12.17 -1.06 -12.67
N PHE D 62 -11.56 -1.50 -13.79
CA PHE D 62 -10.24 -0.98 -14.15
C PHE D 62 -10.28 0.50 -14.46
N VAL D 63 -11.26 0.93 -15.26
CA VAL D 63 -11.39 2.35 -15.59
C VAL D 63 -11.63 3.16 -14.33
N ASN D 64 -12.55 2.70 -13.47
CA ASN D 64 -12.82 3.42 -12.23
C ASN D 64 -11.58 3.50 -11.35
N ASP D 65 -10.82 2.41 -11.24
CA ASP D 65 -9.65 2.40 -10.38
C ASP D 65 -8.57 3.35 -10.90
N VAL D 66 -8.29 3.30 -12.21
CA VAL D 66 -7.27 4.18 -12.77
C VAL D 66 -7.70 5.63 -12.68
N PHE D 67 -8.99 5.91 -12.95
CA PHE D 67 -9.51 7.25 -12.78
C PHE D 67 -9.29 7.75 -11.36
N GLU D 68 -9.62 6.91 -10.39
CA GLU D 68 -9.46 7.33 -9.01
C GLU D 68 -8.00 7.60 -8.69
N ARG D 69 -7.10 6.73 -9.16
CA ARG D 69 -5.68 6.94 -8.90
C ARG D 69 -5.19 8.26 -9.50
N ILE D 70 -5.49 8.51 -10.77
CA ILE D 70 -4.99 9.70 -11.43
C ILE D 70 -5.61 10.96 -10.83
N ALA D 71 -6.91 10.90 -10.50
CA ALA D 71 -7.57 12.07 -9.94
C ALA D 71 -7.07 12.34 -8.52
N GLY D 72 -6.80 11.29 -7.75
CA GLY D 72 -6.22 11.48 -6.44
C GLY D 72 -4.84 12.12 -6.53
N GLU D 73 -4.04 11.66 -7.49
CA GLU D 73 -2.71 12.25 -7.64
C GLU D 73 -2.79 13.70 -8.10
N ALA D 74 -3.70 14.00 -9.02
CA ALA D 74 -3.85 15.39 -9.45
C ALA D 74 -4.34 16.28 -8.32
N SER D 75 -5.27 15.77 -7.51
CA SER D 75 -5.72 16.50 -6.33
C SER D 75 -4.57 16.80 -5.39
N ARG D 76 -3.81 15.77 -5.00
CA ARG D 76 -2.68 16.02 -4.11
C ARG D 76 -1.65 16.97 -4.72
N LEU D 77 -1.34 16.83 -6.01
CA LEU D 77 -0.43 17.77 -6.67
C LEU D 77 -0.94 19.19 -6.55
N ALA D 78 -2.23 19.39 -6.80
CA ALA D 78 -2.80 20.74 -6.72
C ALA D 78 -2.73 21.27 -5.29
N HIS D 79 -2.90 20.38 -4.31
CA HIS D 79 -2.81 20.80 -2.91
C HIS D 79 -1.39 21.18 -2.53
N TYR D 80 -0.40 20.37 -2.90
CA TYR D 80 1.00 20.66 -2.56
C TYR D 80 1.44 22.01 -3.08
N ASN D 81 0.92 22.43 -4.22
CA ASN D 81 1.32 23.70 -4.82
C ASN D 81 0.32 24.81 -4.52
N LYS D 82 -0.57 24.60 -3.56
CA LYS D 82 -1.54 25.61 -3.15
C LYS D 82 -2.32 26.15 -4.36
N ARG D 83 -2.79 25.25 -5.20
CA ARG D 83 -3.64 25.59 -6.33
C ARG D 83 -5.07 25.16 -6.07
N SER D 84 -6.00 25.86 -6.71
CA SER D 84 -7.42 25.57 -6.59
C SER D 84 -7.93 24.77 -7.77
N THR D 85 -7.14 24.64 -8.83
CA THR D 85 -7.60 24.10 -10.10
C THR D 85 -6.81 22.85 -10.44
N ILE D 86 -7.50 21.85 -10.94
CA ILE D 86 -6.84 20.71 -11.58
C ILE D 86 -6.79 21.02 -13.06
N THR D 87 -5.58 21.10 -13.60
CA THR D 87 -5.40 21.48 -14.99
C THR D 87 -4.77 20.34 -15.77
N SER D 88 -4.59 20.55 -17.07
CA SER D 88 -3.85 19.59 -17.89
C SER D 88 -2.48 19.30 -17.32
N ARG D 89 -1.82 20.30 -16.73
CA ARG D 89 -0.47 20.09 -16.23
C ARG D 89 -0.47 19.18 -15.00
N GLU D 90 -1.40 19.40 -14.07
CA GLU D 90 -1.56 18.48 -12.94
C GLU D 90 -1.86 17.06 -13.43
N ILE D 91 -2.77 16.93 -14.41
CA ILE D 91 -3.13 15.61 -14.90
C ILE D 91 -1.92 14.94 -15.54
N GLN D 92 -1.16 15.70 -16.32
CA GLN D 92 0.02 15.16 -16.99
C GLN D 92 1.07 14.71 -15.98
N THR D 93 1.28 15.50 -14.94
CA THR D 93 2.21 15.11 -13.90
C THR D 93 1.72 13.89 -13.13
N ALA D 94 0.41 13.80 -12.88
CA ALA D 94 -0.12 12.60 -12.23
C ALA D 94 0.08 11.36 -13.08
N VAL D 95 -0.10 11.49 -14.39
CA VAL D 95 0.13 10.36 -15.28
C VAL D 95 1.60 9.97 -15.29
N ARG D 96 2.50 10.96 -15.26
CA ARG D 96 3.92 10.65 -15.23
C ARG D 96 4.35 10.05 -13.89
N LEU D 97 3.61 10.37 -12.81
CA LEU D 97 3.93 9.78 -11.52
C LEU D 97 3.38 8.37 -11.38
N LEU D 98 2.25 8.08 -12.04
CA LEU D 98 1.58 6.81 -11.79
C LEU D 98 1.88 5.75 -12.83
N LEU D 99 2.16 6.14 -14.00
CA LEU D 99 2.34 5.07 -14.97
C LEU D 99 3.82 4.79 -15.18
N PRO D 100 4.18 3.54 -15.43
CA PRO D 100 5.60 3.19 -15.60
C PRO D 100 6.14 3.43 -16.99
N GLY D 101 7.15 4.30 -17.08
CA GLY D 101 7.99 4.41 -18.26
C GLY D 101 7.27 4.66 -19.56
N GLU D 102 7.25 3.64 -20.42
CA GLU D 102 6.68 3.82 -21.75
C GLU D 102 5.18 4.07 -21.70
N LEU D 103 4.47 3.40 -20.81
CA LEU D 103 3.07 3.71 -20.60
C LEU D 103 2.87 5.18 -20.26
N ALA D 104 3.76 5.73 -19.42
CA ALA D 104 3.64 7.13 -19.03
C ALA D 104 3.85 8.05 -20.23
N LYS D 105 4.89 7.81 -21.02
CA LYS D 105 5.16 8.72 -22.13
C LYS D 105 4.08 8.63 -23.21
N HIS D 106 3.57 7.41 -23.48
CA HIS D 106 2.52 7.30 -24.47
C HIS D 106 1.21 7.92 -23.98
N ALA D 107 0.88 7.70 -22.70
CA ALA D 107 -0.31 8.33 -22.14
C ALA D 107 -0.19 9.84 -22.19
N VAL D 108 1.00 10.36 -21.92
CA VAL D 108 1.24 11.81 -21.99
C VAL D 108 1.02 12.29 -23.41
N SER D 109 1.49 11.53 -24.40
CA SER D 109 1.30 11.95 -25.79
C SER D 109 -0.19 11.96 -26.16
N GLU D 110 -0.93 10.94 -25.71
CA GLU D 110 -2.37 10.91 -25.95
C GLU D 110 -3.07 12.10 -25.31
N GLY D 111 -2.71 12.42 -24.07
CA GLY D 111 -3.35 13.53 -23.37
C GLY D 111 -3.05 14.86 -24.03
N THR D 112 -1.78 15.10 -24.37
CA THR D 112 -1.40 16.35 -25.01
C THR D 112 -2.06 16.47 -26.37
N LYS D 113 -2.17 15.36 -27.11
CA LYS D 113 -2.84 15.42 -28.40
C LYS D 113 -4.30 15.80 -28.24
N ALA D 114 -4.98 15.20 -27.26
CA ALA D 114 -6.39 15.49 -27.05
C ALA D 114 -6.60 16.94 -26.60
N VAL D 115 -5.72 17.46 -25.74
CA VAL D 115 -5.92 18.83 -25.29
C VAL D 115 -5.64 19.83 -26.41
N THR D 116 -4.59 19.57 -27.21
CA THR D 116 -4.32 20.43 -28.36
C THR D 116 -5.50 20.44 -29.33
N LYS D 117 -6.03 19.26 -29.62
CA LYS D 117 -7.18 19.17 -30.52
C LYS D 117 -8.40 19.86 -29.92
N TYR D 118 -8.59 19.74 -28.61
CA TYR D 118 -9.75 20.34 -27.97
C TYR D 118 -9.69 21.85 -28.06
N THR D 119 -8.52 22.44 -27.78
CA THR D 119 -8.42 23.90 -27.84
C THR D 119 -8.43 24.39 -29.29
N SER D 120 -7.93 23.58 -30.21
CA SER D 120 -7.97 23.92 -31.63
C SER D 120 -9.40 23.86 -32.16
N HIS E 39 -0.72 -50.50 -13.55
CA HIS E 39 0.09 -49.34 -13.92
C HIS E 39 0.14 -48.42 -12.71
N ARG E 40 1.32 -47.88 -12.41
CA ARG E 40 1.50 -46.86 -11.38
C ARG E 40 2.46 -45.78 -11.82
N TYR E 41 2.02 -44.53 -11.73
CA TYR E 41 2.93 -43.41 -11.87
C TYR E 41 3.82 -43.26 -10.65
N ARG E 42 4.99 -42.68 -10.88
CA ARG E 42 5.97 -42.48 -9.83
C ARG E 42 5.56 -41.28 -8.98
N PRO E 43 6.06 -41.18 -7.75
CA PRO E 43 5.53 -40.14 -6.84
C PRO E 43 5.97 -38.74 -7.23
N GLY E 44 5.15 -38.08 -8.06
CA GLY E 44 5.41 -36.73 -8.49
C GLY E 44 4.94 -36.45 -9.90
N THR E 45 4.74 -37.50 -10.69
CA THR E 45 4.24 -37.34 -12.06
C THR E 45 2.81 -36.81 -12.07
N VAL E 46 1.92 -37.44 -11.32
CA VAL E 46 0.54 -36.99 -11.23
C VAL E 46 0.47 -35.62 -10.56
N ALA E 47 1.40 -35.33 -9.65
CA ALA E 47 1.43 -34.00 -9.04
C ALA E 47 1.69 -32.94 -10.10
N LEU E 48 2.66 -33.18 -10.99
CA LEU E 48 2.92 -32.24 -12.06
C LEU E 48 1.75 -32.16 -13.02
N ARG E 49 1.09 -33.29 -13.30
CA ARG E 49 -0.10 -33.26 -14.13
C ARG E 49 -1.17 -32.37 -13.52
N GLU E 50 -1.37 -32.49 -12.21
CA GLU E 50 -2.33 -31.64 -11.54
C GLU E 50 -1.93 -30.18 -11.61
N ILE E 51 -0.65 -29.88 -11.39
CA ILE E 51 -0.20 -28.50 -11.49
C ILE E 51 -0.54 -27.92 -12.85
N ARG E 52 -0.20 -28.63 -13.92
CA ARG E 52 -0.50 -28.12 -15.26
C ARG E 52 -1.99 -27.95 -15.47
N ARG E 53 -2.79 -28.94 -15.06
CA ARG E 53 -4.23 -28.88 -15.23
C ARG E 53 -4.81 -27.66 -14.52
N TYR E 54 -4.47 -27.48 -13.24
CA TYR E 54 -5.08 -26.43 -12.44
C TYR E 54 -4.48 -25.06 -12.73
N GLN E 55 -3.27 -24.98 -13.28
CA GLN E 55 -2.78 -23.70 -13.76
C GLN E 55 -3.37 -23.36 -15.11
N LYS E 56 -3.92 -24.33 -15.82
CA LYS E 56 -4.63 -24.00 -17.06
C LYS E 56 -6.04 -23.48 -16.80
N SER E 57 -6.73 -24.01 -15.79
CA SER E 57 -8.12 -23.67 -15.54
C SER E 57 -8.26 -22.45 -14.63
N THR E 58 -9.49 -21.97 -14.48
CA THR E 58 -9.79 -20.81 -13.65
C THR E 58 -10.86 -21.04 -12.60
N GLU E 59 -11.51 -22.19 -12.56
CA GLU E 59 -12.61 -22.38 -11.63
C GLU E 59 -12.11 -22.38 -10.17
N LEU E 60 -13.03 -22.06 -9.27
CA LEU E 60 -12.73 -22.04 -7.84
C LEU E 60 -12.43 -23.45 -7.35
N LEU E 61 -11.61 -23.52 -6.30
CA LEU E 61 -11.09 -24.80 -5.84
C LEU E 61 -11.61 -25.26 -4.49
N ILE E 62 -12.28 -24.41 -3.75
CA ILE E 62 -12.94 -24.81 -2.51
C ILE E 62 -14.41 -25.10 -2.80
N ARG E 63 -14.97 -26.04 -2.06
CA ARG E 63 -16.39 -26.36 -2.19
C ARG E 63 -17.23 -25.20 -1.67
N LYS E 64 -18.28 -24.86 -2.41
CA LYS E 64 -19.01 -23.62 -2.15
C LYS E 64 -19.79 -23.67 -0.84
N LEU E 65 -20.50 -24.77 -0.57
CA LEU E 65 -21.25 -24.85 0.69
C LEU E 65 -20.41 -24.91 1.95
N PRO E 66 -19.34 -25.72 2.05
CA PRO E 66 -18.46 -25.60 3.22
C PRO E 66 -17.89 -24.21 3.39
N PHE E 67 -17.48 -23.57 2.28
CA PHE E 67 -16.93 -22.23 2.39
C PHE E 67 -17.98 -21.23 2.86
N GLN E 68 -19.22 -21.40 2.41
CA GLN E 68 -20.28 -20.49 2.81
C GLN E 68 -20.59 -20.66 4.29
N ARG E 69 -20.62 -21.90 4.76
CA ARG E 69 -20.81 -22.14 6.18
C ARG E 69 -19.68 -21.52 6.98
N LEU E 70 -18.44 -21.64 6.47
CA LEU E 70 -17.30 -21.04 7.15
C LEU E 70 -17.45 -19.53 7.25
N VAL E 71 -17.84 -18.88 6.15
CA VAL E 71 -18.01 -17.43 6.15
C VAL E 71 -19.08 -17.02 7.15
N ARG E 72 -20.23 -17.71 7.12
CA ARG E 72 -21.32 -17.35 8.02
C ARG E 72 -20.92 -17.58 9.47
N GLU E 73 -20.15 -18.64 9.73
CA GLU E 73 -19.70 -18.93 11.08
C GLU E 73 -18.74 -17.85 11.57
N ILE E 74 -17.83 -17.43 10.69
CA ILE E 74 -16.90 -16.35 11.05
C ILE E 74 -17.65 -15.06 11.32
N ALA E 75 -18.63 -14.74 10.47
CA ALA E 75 -19.39 -13.51 10.63
C ALA E 75 -20.29 -13.53 11.85
N GLN E 76 -20.67 -14.72 12.33
CA GLN E 76 -21.45 -14.79 13.56
C GLN E 76 -20.73 -14.08 14.69
N ASP E 77 -19.40 -14.09 14.68
CA ASP E 77 -18.64 -13.47 15.75
C ASP E 77 -18.66 -11.96 15.67
N PHE E 78 -19.07 -11.39 14.53
CA PHE E 78 -19.07 -9.95 14.36
C PHE E 78 -20.45 -9.33 14.48
N LYS E 79 -21.50 -10.05 14.10
CA LYS E 79 -22.87 -9.57 14.20
C LYS E 79 -23.82 -10.73 13.97
N THR E 80 -24.86 -10.81 14.78
CA THR E 80 -25.78 -11.94 14.71
C THR E 80 -26.86 -11.71 13.66
N ASP E 81 -27.35 -12.82 13.10
CA ASP E 81 -28.46 -12.83 12.14
C ASP E 81 -28.10 -12.09 10.86
N LEU E 82 -26.84 -12.17 10.45
CA LEU E 82 -26.42 -11.52 9.22
C LEU E 82 -26.88 -12.32 8.01
N ARG E 83 -27.35 -11.62 7.00
CA ARG E 83 -27.59 -12.21 5.71
C ARG E 83 -26.43 -11.87 4.77
N PHE E 84 -26.27 -12.67 3.74
CA PHE E 84 -25.20 -12.50 2.77
C PHE E 84 -25.77 -12.55 1.38
N GLN E 85 -25.29 -11.69 0.50
CA GLN E 85 -25.58 -11.86 -0.91
C GLN E 85 -24.73 -12.97 -1.47
N SER E 86 -25.30 -13.75 -2.39
CA SER E 86 -24.55 -14.79 -3.07
C SER E 86 -23.26 -14.22 -3.65
N SER E 87 -23.35 -13.04 -4.24
CA SER E 87 -22.17 -12.39 -4.81
C SER E 87 -21.18 -11.97 -3.74
N ALA E 88 -21.65 -11.66 -2.53
CA ALA E 88 -20.71 -11.34 -1.46
C ALA E 88 -19.87 -12.56 -1.08
N VAL E 89 -20.50 -13.72 -0.99
CA VAL E 89 -19.77 -14.95 -0.70
C VAL E 89 -18.85 -15.30 -1.86
N MET E 90 -19.30 -15.09 -3.10
CA MET E 90 -18.45 -15.39 -4.24
C MET E 90 -17.23 -14.47 -4.28
N ALA E 91 -17.40 -13.20 -3.91
CA ALA E 91 -16.25 -12.30 -3.87
C ALA E 91 -15.28 -12.71 -2.76
N LEU E 92 -15.81 -13.06 -1.59
CA LEU E 92 -14.95 -13.58 -0.52
C LEU E 92 -14.17 -14.80 -0.96
N GLN E 93 -14.80 -15.71 -1.70
CA GLN E 93 -14.12 -16.93 -2.09
C GLN E 93 -13.08 -16.68 -3.17
N GLU E 94 -13.41 -15.84 -4.15
CA GLU E 94 -12.42 -15.44 -5.14
C GLU E 94 -11.20 -14.84 -4.47
N ALA E 95 -11.41 -13.90 -3.55
CA ALA E 95 -10.27 -13.26 -2.88
C ALA E 95 -9.47 -14.26 -2.07
N SER E 96 -10.14 -15.12 -1.31
CA SER E 96 -9.44 -16.10 -0.49
C SER E 96 -8.59 -17.02 -1.36
N GLU E 97 -9.12 -17.48 -2.49
CA GLU E 97 -8.39 -18.43 -3.31
C GLU E 97 -7.22 -17.74 -4.02
N ALA E 98 -7.41 -16.52 -4.51
CA ALA E 98 -6.28 -15.80 -5.10
C ALA E 98 -5.17 -15.58 -4.08
N TYR E 99 -5.55 -15.21 -2.85
CA TYR E 99 -4.57 -15.00 -1.79
C TYR E 99 -3.81 -16.28 -1.48
N LEU E 100 -4.53 -17.39 -1.33
CA LEU E 100 -3.88 -18.65 -0.98
C LEU E 100 -2.96 -19.12 -2.11
N VAL E 101 -3.36 -18.89 -3.36
CA VAL E 101 -2.50 -19.31 -4.46
C VAL E 101 -1.23 -18.49 -4.50
N ALA E 102 -1.33 -17.17 -4.34
CA ALA E 102 -0.11 -16.36 -4.34
C ALA E 102 0.79 -16.72 -3.17
N LEU E 103 0.20 -16.99 -2.00
CA LEU E 103 0.99 -17.43 -0.86
C LEU E 103 1.69 -18.75 -1.13
N PHE E 104 1.02 -19.69 -1.78
CA PHE E 104 1.64 -20.98 -2.09
C PHE E 104 2.77 -20.81 -3.11
N GLU E 105 2.65 -19.86 -4.02
CA GLU E 105 3.76 -19.62 -4.95
C GLU E 105 4.97 -19.08 -4.22
N ASP E 106 4.77 -18.09 -3.35
CA ASP E 106 5.87 -17.58 -2.54
C ASP E 106 6.46 -18.69 -1.67
N THR E 107 5.62 -19.55 -1.11
CA THR E 107 6.08 -20.64 -0.28
C THR E 107 6.94 -21.61 -1.08
N ASN E 108 6.54 -21.91 -2.31
CA ASN E 108 7.36 -22.77 -3.15
C ASN E 108 8.72 -22.16 -3.41
N LEU E 109 8.77 -20.83 -3.62
CA LEU E 109 10.07 -20.18 -3.76
C LEU E 109 10.92 -20.33 -2.51
N CYS E 110 10.32 -20.14 -1.33
CA CYS E 110 11.09 -20.24 -0.09
C CYS E 110 11.56 -21.67 0.15
N ALA E 111 10.79 -22.66 -0.30
CA ALA E 111 11.21 -24.05 -0.15
C ALA E 111 12.31 -24.42 -1.11
N ILE E 112 12.27 -23.90 -2.35
CA ILE E 112 13.35 -24.14 -3.29
C ILE E 112 14.63 -23.47 -2.82
N HIS E 113 14.52 -22.31 -2.17
CA HIS E 113 15.71 -21.64 -1.67
C HIS E 113 16.51 -22.52 -0.72
N ALA E 114 15.83 -23.31 0.10
CA ALA E 114 16.49 -24.23 1.03
C ALA E 114 16.77 -25.58 0.39
N LYS E 115 16.75 -25.67 -0.94
CA LYS E 115 17.09 -26.88 -1.68
C LYS E 115 16.16 -28.04 -1.35
N ARG E 116 14.89 -27.72 -1.14
CA ARG E 116 13.84 -28.72 -0.98
C ARG E 116 12.86 -28.59 -2.14
N VAL E 117 12.07 -29.64 -2.33
CA VAL E 117 10.93 -29.57 -3.24
C VAL E 117 9.61 -29.67 -2.50
N THR E 118 9.63 -29.76 -1.17
CA THR E 118 8.45 -29.96 -0.36
C THR E 118 8.19 -28.72 0.47
N ILE E 119 7.02 -28.12 0.30
CA ILE E 119 6.69 -26.95 1.10
C ILE E 119 6.31 -27.42 2.50
N MET E 120 6.74 -26.67 3.50
CA MET E 120 6.54 -26.97 4.90
C MET E 120 6.03 -25.72 5.59
N PRO E 121 5.43 -25.85 6.77
CA PRO E 121 4.94 -24.65 7.46
C PRO E 121 5.98 -23.57 7.65
N LYS E 122 7.25 -23.93 7.85
CA LYS E 122 8.30 -22.93 7.93
C LYS E 122 8.44 -22.13 6.63
N ASP E 123 8.21 -22.77 5.47
CA ASP E 123 8.23 -22.04 4.22
C ASP E 123 7.12 -21.00 4.16
N ILE E 124 5.90 -21.41 4.53
CA ILE E 124 4.77 -20.48 4.53
C ILE E 124 5.06 -19.32 5.48
N GLN E 125 5.61 -19.62 6.65
CA GLN E 125 5.86 -18.58 7.65
C GLN E 125 6.93 -17.62 7.16
N LEU E 126 7.97 -18.11 6.49
CA LEU E 126 8.97 -17.20 5.94
C LEU E 126 8.35 -16.31 4.86
N ALA E 127 7.52 -16.89 4.01
CA ALA E 127 6.88 -16.08 2.97
C ALA E 127 6.03 -14.97 3.58
N ARG E 128 5.23 -15.32 4.59
CA ARG E 128 4.37 -14.33 5.22
C ARG E 128 5.15 -13.32 6.05
N ARG E 129 6.32 -13.71 6.56
CA ARG E 129 7.17 -12.76 7.28
C ARG E 129 7.80 -11.76 6.32
N ILE E 130 8.29 -12.22 5.18
CA ILE E 130 8.92 -11.29 4.24
C ILE E 130 7.86 -10.38 3.63
N ARG E 131 6.66 -10.91 3.39
CA ARG E 131 5.57 -10.08 2.89
C ARG E 131 5.21 -8.97 3.88
N GLY E 132 5.38 -9.22 5.17
CA GLY E 132 4.99 -8.27 6.19
C GLY E 132 3.64 -8.56 6.80
N GLU E 133 3.32 -9.84 6.96
CA GLU E 133 2.07 -10.24 7.60
C GLU E 133 2.35 -10.86 8.97
N ASP F 24 -17.30 -26.00 13.82
CA ASP F 24 -16.28 -26.85 13.23
C ASP F 24 -16.41 -26.86 11.71
N ASN F 25 -16.69 -25.69 11.13
CA ASN F 25 -16.84 -25.58 9.69
C ASN F 25 -15.54 -25.31 8.97
N ILE F 26 -14.46 -25.04 9.69
CA ILE F 26 -13.16 -24.81 9.05
C ILE F 26 -12.66 -26.12 8.44
N GLN F 27 -13.07 -27.25 9.02
CA GLN F 27 -12.76 -28.55 8.45
C GLN F 27 -13.45 -28.80 7.12
N GLY F 28 -14.48 -28.03 6.75
CA GLY F 28 -15.01 -28.14 5.40
C GLY F 28 -14.05 -27.77 4.30
N ILE F 29 -13.02 -26.98 4.61
CA ILE F 29 -11.92 -26.72 3.67
C ILE F 29 -10.98 -27.91 3.78
N THR F 30 -11.19 -28.90 2.93
CA THR F 30 -10.64 -30.23 3.08
C THR F 30 -9.20 -30.27 2.57
N LYS F 31 -8.52 -31.36 2.90
CA LYS F 31 -7.18 -31.62 2.38
C LYS F 31 -7.12 -31.67 0.86
N PRO F 32 -8.05 -32.34 0.15
CA PRO F 32 -8.00 -32.26 -1.32
C PRO F 32 -8.13 -30.84 -1.87
N ALA F 33 -8.96 -30.00 -1.26
CA ALA F 33 -9.10 -28.63 -1.73
C ALA F 33 -7.81 -27.83 -1.54
N ILE F 34 -7.18 -27.96 -0.36
CA ILE F 34 -5.91 -27.28 -0.14
C ILE F 34 -4.86 -27.79 -1.10
N ARG F 35 -4.87 -29.08 -1.39
CA ARG F 35 -3.92 -29.62 -2.36
C ARG F 35 -4.15 -29.03 -3.74
N ARG F 36 -5.41 -28.86 -4.16
CA ARG F 36 -5.67 -28.22 -5.44
C ARG F 36 -5.17 -26.78 -5.47
N LEU F 37 -5.40 -26.04 -4.39
CA LEU F 37 -4.88 -24.68 -4.32
C LEU F 37 -3.37 -24.65 -4.44
N ALA F 38 -2.68 -25.57 -3.73
CA ALA F 38 -1.23 -25.63 -3.81
C ALA F 38 -0.76 -26.00 -5.21
N ARG F 39 -1.49 -26.89 -5.88
CA ARG F 39 -1.13 -27.27 -7.24
C ARG F 39 -1.21 -26.06 -8.16
N ARG F 40 -2.30 -25.30 -8.08
CA ARG F 40 -2.37 -24.07 -8.85
C ARG F 40 -1.28 -23.09 -8.47
N GLY F 41 -0.85 -23.11 -7.21
CA GLY F 41 0.31 -22.36 -6.79
C GLY F 41 1.65 -22.88 -7.25
N GLY F 42 1.70 -24.03 -7.90
CA GLY F 42 2.95 -24.55 -8.44
C GLY F 42 3.72 -25.47 -7.52
N VAL F 43 3.12 -25.93 -6.44
CA VAL F 43 3.81 -26.76 -5.45
C VAL F 43 3.77 -28.20 -5.94
N LYS F 44 4.93 -28.87 -5.90
CA LYS F 44 4.99 -30.25 -6.37
C LYS F 44 4.79 -31.27 -5.27
N ARG F 45 5.15 -30.95 -4.03
CA ARG F 45 5.13 -31.95 -2.98
C ARG F 45 4.81 -31.20 -1.70
N ILE F 46 3.84 -31.69 -0.95
CA ILE F 46 3.23 -30.96 0.16
C ILE F 46 3.40 -31.76 1.44
N SER F 47 3.97 -31.13 2.46
CA SER F 47 4.07 -31.77 3.75
C SER F 47 2.71 -31.89 4.42
N GLY F 48 2.55 -32.94 5.22
CA GLY F 48 1.28 -33.23 5.85
C GLY F 48 0.86 -32.19 6.87
N LEU F 49 1.79 -31.39 7.36
CA LEU F 49 1.50 -30.32 8.31
C LEU F 49 1.06 -29.03 7.63
N ILE F 50 1.00 -29.02 6.31
CA ILE F 50 0.66 -27.80 5.58
C ILE F 50 -0.82 -27.47 5.75
N TYR F 51 -1.66 -28.48 5.97
CA TYR F 51 -3.10 -28.28 5.89
C TYR F 51 -3.63 -27.48 7.06
N GLU F 52 -3.16 -27.75 8.28
CA GLU F 52 -3.58 -26.95 9.42
C GLU F 52 -3.05 -25.53 9.32
N GLU F 53 -1.80 -25.38 8.88
CA GLU F 53 -1.25 -24.05 8.66
C GLU F 53 -2.10 -23.25 7.66
N THR F 54 -2.53 -23.90 6.59
CA THR F 54 -3.31 -23.21 5.57
C THR F 54 -4.70 -22.86 6.09
N ARG F 55 -5.29 -23.75 6.88
CA ARG F 55 -6.59 -23.42 7.46
C ARG F 55 -6.48 -22.22 8.40
N GLY F 56 -5.42 -22.16 9.21
CA GLY F 56 -5.22 -20.99 10.04
C GLY F 56 -5.02 -19.71 9.24
N VAL F 57 -4.22 -19.79 8.18
CA VAL F 57 -3.98 -18.61 7.34
C VAL F 57 -5.28 -18.12 6.71
N LEU F 58 -6.06 -19.06 6.16
CA LEU F 58 -7.33 -18.69 5.54
C LEU F 58 -8.30 -18.13 6.56
N LYS F 59 -8.33 -18.69 7.76
CA LYS F 59 -9.22 -18.15 8.78
C LYS F 59 -8.85 -16.72 9.12
N VAL F 60 -7.55 -16.42 9.27
CA VAL F 60 -7.13 -15.07 9.58
C VAL F 60 -7.49 -14.11 8.44
N PHE F 61 -7.22 -14.51 7.20
CA PHE F 61 -7.57 -13.68 6.05
C PHE F 61 -9.06 -13.36 6.03
N LEU F 62 -9.89 -14.40 6.15
CA LEU F 62 -11.33 -14.19 6.08
C LEU F 62 -11.81 -13.35 7.25
N GLU F 63 -11.19 -13.51 8.42
CA GLU F 63 -11.57 -12.69 9.55
C GLU F 63 -11.32 -11.22 9.27
N ASN F 64 -10.14 -10.89 8.75
CA ASN F 64 -9.85 -9.50 8.41
C ASN F 64 -10.85 -8.95 7.40
N VAL F 65 -11.02 -9.67 6.27
CA VAL F 65 -11.88 -9.16 5.22
C VAL F 65 -13.31 -9.02 5.69
N ILE F 66 -13.81 -10.01 6.41
CA ILE F 66 -15.20 -10.02 6.84
C ILE F 66 -15.42 -8.98 7.93
N ARG F 67 -14.45 -8.79 8.82
CA ARG F 67 -14.56 -7.71 9.79
C ARG F 67 -14.76 -6.37 9.10
N ASP F 68 -13.95 -6.10 8.07
CA ASP F 68 -14.12 -4.82 7.37
C ASP F 68 -15.45 -4.77 6.62
N ALA F 69 -15.85 -5.88 6.00
CA ALA F 69 -17.12 -5.90 5.26
C ALA F 69 -18.31 -5.69 6.18
N VAL F 70 -18.30 -6.31 7.36
CA VAL F 70 -19.38 -6.09 8.31
C VAL F 70 -19.34 -4.68 8.89
N THR F 71 -18.16 -4.07 8.98
CA THR F 71 -18.11 -2.67 9.38
C THR F 71 -18.81 -1.79 8.34
N TYR F 72 -18.50 -2.01 7.06
CA TYR F 72 -19.19 -1.27 6.00
C TYR F 72 -20.69 -1.53 6.03
N THR F 73 -21.09 -2.78 6.29
CA THR F 73 -22.50 -3.13 6.31
C THR F 73 -23.23 -2.45 7.47
N GLU F 74 -22.63 -2.44 8.65
CA GLU F 74 -23.28 -1.82 9.79
C GLU F 74 -23.37 -0.31 9.60
N HIS F 75 -22.35 0.28 8.98
CA HIS F 75 -22.40 1.71 8.72
C HIS F 75 -23.58 2.09 7.82
N ALA F 76 -23.90 1.26 6.84
CA ALA F 76 -25.04 1.52 5.96
C ALA F 76 -26.37 1.22 6.62
N LYS F 77 -26.38 0.74 7.86
CA LYS F 77 -27.59 0.39 8.60
C LYS F 77 -28.35 -0.74 7.92
N ARG F 78 -27.62 -1.59 7.21
CA ARG F 78 -28.17 -2.79 6.62
C ARG F 78 -27.96 -3.98 7.54
N LYS F 79 -28.71 -5.05 7.29
CA LYS F 79 -28.49 -6.33 7.93
C LYS F 79 -27.88 -7.36 6.99
N THR F 80 -27.67 -7.00 5.72
CA THR F 80 -27.19 -7.90 4.69
C THR F 80 -25.82 -7.41 4.25
N VAL F 81 -24.82 -8.28 4.37
CA VAL F 81 -23.49 -7.97 3.86
C VAL F 81 -23.52 -8.05 2.34
N THR F 82 -23.12 -6.97 1.69
CA THR F 82 -23.21 -6.83 0.24
C THR F 82 -21.85 -7.07 -0.42
N ALA F 83 -21.91 -7.43 -1.71
CA ALA F 83 -20.71 -7.53 -2.55
C ALA F 83 -19.89 -6.26 -2.52
N MET F 84 -20.53 -5.09 -2.46
CA MET F 84 -19.79 -3.83 -2.43
C MET F 84 -18.99 -3.69 -1.14
N ASP F 85 -19.57 -4.10 -0.02
CA ASP F 85 -18.83 -4.12 1.23
C ASP F 85 -17.57 -4.95 1.11
N VAL F 86 -17.69 -6.15 0.55
CA VAL F 86 -16.52 -7.02 0.40
C VAL F 86 -15.49 -6.39 -0.53
N VAL F 87 -15.92 -5.82 -1.65
CA VAL F 87 -14.99 -5.21 -2.58
C VAL F 87 -14.27 -4.05 -1.92
N TYR F 88 -14.99 -3.22 -1.16
CA TYR F 88 -14.38 -2.09 -0.48
C TYR F 88 -13.39 -2.57 0.56
N ALA F 89 -13.73 -3.64 1.28
CA ALA F 89 -12.83 -4.17 2.29
C ALA F 89 -11.56 -4.70 1.64
N LEU F 90 -11.68 -5.44 0.54
CA LEU F 90 -10.51 -5.91 -0.18
C LEU F 90 -9.64 -4.76 -0.67
N LYS F 91 -10.27 -3.69 -1.15
CA LYS F 91 -9.51 -2.54 -1.61
C LYS F 91 -8.79 -1.86 -0.47
N ARG F 92 -9.44 -1.76 0.69
CA ARG F 92 -8.81 -1.11 1.84
C ARG F 92 -7.57 -1.85 2.30
N GLN F 93 -7.53 -3.16 2.14
CA GLN F 93 -6.36 -3.96 2.49
C GLN F 93 -5.36 -4.07 1.35
N GLY F 94 -5.46 -3.21 0.34
CA GLY F 94 -4.49 -3.25 -0.74
C GLY F 94 -4.59 -4.48 -1.59
N ARG F 95 -5.78 -5.07 -1.70
CA ARG F 95 -6.03 -6.28 -2.46
C ARG F 95 -7.21 -6.11 -3.40
N THR F 96 -7.18 -5.03 -4.19
CA THR F 96 -8.22 -4.71 -5.15
C THR F 96 -8.69 -5.93 -5.93
N LEU F 97 -10.01 -6.08 -6.03
CA LEU F 97 -10.65 -7.16 -6.76
C LEU F 97 -11.41 -6.55 -7.92
N TYR F 98 -11.19 -7.08 -9.12
CA TYR F 98 -11.98 -6.67 -10.28
C TYR F 98 -13.04 -7.71 -10.60
N GLY F 99 -14.21 -7.23 -11.00
CA GLY F 99 -15.27 -8.09 -11.49
C GLY F 99 -16.51 -8.15 -10.64
N PHE F 100 -16.58 -7.38 -9.55
CA PHE F 100 -17.75 -7.38 -8.69
C PHE F 100 -18.25 -5.97 -8.40
N GLY F 101 -17.98 -5.04 -9.30
CA GLY F 101 -18.38 -3.66 -9.10
C GLY F 101 -17.31 -2.79 -8.50
N ARG G 11 -21.69 40.62 22.25
CA ARG G 11 -21.91 39.18 22.21
C ARG G 11 -21.59 38.53 23.54
N ALA G 12 -20.79 37.46 23.51
CA ALA G 12 -20.39 36.77 24.73
C ALA G 12 -18.88 36.49 24.71
N LYS G 13 -18.40 35.74 25.70
CA LYS G 13 -16.97 35.45 25.80
C LYS G 13 -16.63 34.32 24.84
N ALA G 14 -15.75 34.60 23.87
CA ALA G 14 -15.43 33.65 22.82
C ALA G 14 -14.83 32.37 23.40
N LYS G 15 -15.59 31.27 23.32
CA LYS G 15 -15.20 29.99 23.90
C LYS G 15 -14.88 29.02 22.77
N THR G 16 -13.75 28.32 22.89
CA THR G 16 -13.34 27.38 21.85
C THR G 16 -14.11 26.06 22.01
N ARG G 17 -14.38 25.42 20.86
CA ARG G 17 -15.05 24.12 20.85
C ARG G 17 -14.20 23.03 21.50
N SER G 18 -12.88 23.16 21.50
CA SER G 18 -12.05 22.21 22.23
C SER G 18 -12.39 22.23 23.70
N SER G 19 -12.63 23.42 24.25
CA SER G 19 -12.99 23.54 25.65
C SER G 19 -14.37 22.93 25.92
N ARG G 20 -15.33 23.15 25.01
CA ARG G 20 -16.65 22.56 25.17
C ARG G 20 -16.59 21.04 25.15
N ALA G 21 -15.76 20.47 24.29
CA ALA G 21 -15.60 19.02 24.16
C ALA G 21 -14.71 18.41 25.22
N GLY G 22 -13.96 19.22 25.96
CA GLY G 22 -13.02 18.70 26.93
C GLY G 22 -11.77 18.18 26.26
N LEU G 23 -11.41 18.75 25.12
CA LEU G 23 -10.31 18.25 24.31
C LEU G 23 -9.18 19.25 24.32
N GLN G 24 -7.96 18.74 24.16
CA GLN G 24 -6.80 19.57 23.99
C GLN G 24 -6.51 19.92 22.54
N PHE G 25 -6.87 19.07 21.59
CA PHE G 25 -6.65 19.36 20.18
C PHE G 25 -7.64 20.40 19.65
N PRO G 26 -7.22 21.20 18.63
CA PRO G 26 -8.00 22.35 18.19
C PRO G 26 -9.12 21.94 17.24
N VAL G 27 -10.36 22.03 17.73
CA VAL G 27 -11.50 21.62 16.91
C VAL G 27 -11.69 22.54 15.71
N GLY G 28 -11.52 23.86 15.90
CA GLY G 28 -11.71 24.77 14.78
C GLY G 28 -10.71 24.61 13.65
N ARG G 29 -9.43 24.42 13.98
CA ARG G 29 -8.44 24.20 12.92
C ARG G 29 -8.66 22.88 12.18
N VAL G 30 -9.01 21.82 12.90
CA VAL G 30 -9.30 20.55 12.22
C VAL G 30 -10.50 20.74 11.31
N HIS G 31 -11.51 21.51 11.76
CA HIS G 31 -12.68 21.79 10.93
C HIS G 31 -12.29 22.50 9.66
N ARG G 32 -11.47 23.54 9.78
CA ARG G 32 -11.06 24.29 8.59
C ARG G 32 -10.22 23.43 7.65
N LEU G 33 -9.35 22.57 8.20
CA LEU G 33 -8.57 21.68 7.35
C LEU G 33 -9.45 20.67 6.62
N LEU G 34 -10.53 20.24 7.28
CA LEU G 34 -11.49 19.37 6.61
C LEU G 34 -12.24 20.12 5.51
N ARG G 35 -12.63 21.38 5.77
CA ARG G 35 -13.41 22.09 4.77
C ARG G 35 -12.60 22.41 3.52
N LYS G 36 -11.33 22.75 3.68
CA LYS G 36 -10.51 23.14 2.54
C LYS G 36 -9.66 21.98 2.04
N GLY G 37 -10.04 20.75 2.36
CA GLY G 37 -9.22 19.60 2.02
C GLY G 37 -9.82 18.76 0.93
N ASN G 38 -10.92 19.22 0.33
CA ASN G 38 -11.62 18.48 -0.72
C ASN G 38 -12.04 17.09 -0.28
N TYR G 39 -12.61 16.99 0.91
CA TYR G 39 -13.07 15.70 1.41
C TYR G 39 -14.56 15.46 1.19
N ALA G 40 -15.42 16.41 1.55
CA ALA G 40 -16.83 16.29 1.21
C ALA G 40 -17.38 17.70 0.97
N GLU G 41 -18.58 17.75 0.40
CA GLU G 41 -19.22 19.04 0.17
C GLU G 41 -19.54 19.72 1.50
N ARG G 42 -19.92 18.95 2.51
CA ARG G 42 -20.31 19.47 3.81
C ARG G 42 -19.63 18.67 4.91
N VAL G 43 -19.39 19.32 6.03
CA VAL G 43 -18.75 18.71 7.18
C VAL G 43 -19.68 18.90 8.38
N GLY G 44 -20.16 17.80 8.94
CA GLY G 44 -21.06 17.87 10.06
C GLY G 44 -20.41 18.47 11.28
N ALA G 45 -21.24 18.84 12.25
CA ALA G 45 -20.73 19.54 13.42
C ALA G 45 -19.92 18.63 14.33
N GLY G 46 -20.32 17.36 14.47
CA GLY G 46 -19.59 16.47 15.36
C GLY G 46 -18.38 15.80 14.76
N ALA G 47 -18.24 15.85 13.44
CA ALA G 47 -17.08 15.23 12.79
C ALA G 47 -15.75 15.85 13.24
N PRO G 48 -15.59 17.17 13.34
CA PRO G 48 -14.30 17.69 13.82
C PRO G 48 -14.07 17.39 15.29
N VAL G 49 -15.11 17.41 16.12
CA VAL G 49 -14.94 17.04 17.52
C VAL G 49 -14.45 15.61 17.64
N TYR G 50 -15.12 14.71 16.92
CA TYR G 50 -14.74 13.30 16.94
C TYR G 50 -13.33 13.10 16.45
N LEU G 51 -12.99 13.72 15.33
CA LEU G 51 -11.68 13.53 14.74
C LEU G 51 -10.60 14.06 15.67
N ALA G 52 -10.85 15.20 16.31
CA ALA G 52 -9.87 15.75 17.24
C ALA G 52 -9.71 14.82 18.44
N ALA G 53 -10.80 14.22 18.91
CA ALA G 53 -10.67 13.26 20.00
C ALA G 53 -9.84 12.05 19.58
N VAL G 54 -10.05 11.56 18.36
CA VAL G 54 -9.27 10.41 17.88
C VAL G 54 -7.79 10.78 17.76
N LEU G 55 -7.51 11.96 17.22
CA LEU G 55 -6.13 12.39 17.08
C LEU G 55 -5.49 12.56 18.44
N GLU G 56 -6.21 13.16 19.39
CA GLU G 56 -5.70 13.31 20.74
C GLU G 56 -5.42 11.96 21.39
N TYR G 57 -6.29 10.97 21.17
CA TYR G 57 -6.04 9.67 21.78
C TYR G 57 -4.79 9.03 21.22
N LEU G 58 -4.62 9.08 19.89
CA LEU G 58 -3.43 8.47 19.31
C LEU G 58 -2.15 9.19 19.73
N THR G 59 -2.19 10.53 19.75
CA THR G 59 -1.05 11.28 20.26
C THR G 59 -0.74 10.94 21.70
N ALA G 60 -1.78 10.83 22.54
CA ALA G 60 -1.55 10.51 23.95
C ALA G 60 -0.95 9.13 24.12
N GLU G 61 -1.43 8.15 23.35
CA GLU G 61 -0.85 6.81 23.42
C GLU G 61 0.64 6.83 23.06
N ILE G 62 0.97 7.42 21.91
CA ILE G 62 2.36 7.41 21.49
C ILE G 62 3.22 8.17 22.48
N LEU G 63 2.73 9.29 23.01
CA LEU G 63 3.57 10.09 23.90
C LEU G 63 3.73 9.43 25.26
N GLU G 64 2.71 8.73 25.74
CA GLU G 64 2.86 8.00 26.99
C GLU G 64 3.88 6.88 26.84
N LEU G 65 3.77 6.07 25.78
CA LEU G 65 4.74 5.00 25.59
C LEU G 65 6.14 5.54 25.34
N ALA G 66 6.25 6.68 24.66
CA ALA G 66 7.55 7.26 24.40
C ALA G 66 8.16 7.86 25.66
N GLY G 67 7.32 8.44 26.53
CA GLY G 67 7.84 8.92 27.80
C GLY G 67 8.30 7.79 28.70
N ASN G 68 7.58 6.66 28.68
CA ASN G 68 8.08 5.48 29.38
C ASN G 68 9.44 5.06 28.82
N ALA G 69 9.55 4.96 27.49
CA ALA G 69 10.83 4.59 26.89
C ALA G 69 11.93 5.57 27.24
N ALA G 70 11.60 6.85 27.35
CA ALA G 70 12.60 7.85 27.72
C ALA G 70 13.02 7.70 29.17
N ARG G 71 12.06 7.43 30.06
CA ARG G 71 12.40 7.21 31.46
C ARG G 71 13.27 5.97 31.64
N ASP G 72 13.05 4.94 30.81
CA ASP G 72 13.88 3.74 30.89
C ASP G 72 15.35 4.01 30.58
N ASN G 73 15.65 5.02 29.75
CA ASN G 73 17.02 5.39 29.46
C ASN G 73 17.49 6.52 30.36
N LYS G 74 16.72 6.82 31.42
CA LYS G 74 17.07 7.84 32.39
C LYS G 74 17.16 9.22 31.75
N LYS G 75 16.33 9.46 30.74
CA LYS G 75 16.23 10.76 30.10
C LYS G 75 14.90 11.41 30.46
N THR G 76 14.91 12.73 30.54
CA THR G 76 13.72 13.52 30.81
C THR G 76 13.17 14.18 29.55
N ARG G 77 13.57 13.70 28.37
CA ARG G 77 13.23 14.35 27.11
C ARG G 77 13.10 13.30 26.02
N ILE G 78 11.94 13.28 25.38
CA ILE G 78 11.65 12.32 24.33
C ILE G 78 12.48 12.65 23.11
N ILE G 79 13.11 11.65 22.52
CA ILE G 79 13.86 11.80 21.28
C ILE G 79 13.28 10.86 20.24
N PRO G 80 13.67 10.94 18.96
CA PRO G 80 13.16 9.98 17.98
C PRO G 80 13.39 8.53 18.35
N ARG G 81 14.50 8.21 19.02
CA ARG G 81 14.73 6.85 19.47
C ARG G 81 13.61 6.36 20.38
N HIS G 82 13.17 7.18 21.32
CA HIS G 82 12.10 6.74 22.19
C HIS G 82 10.78 6.61 21.45
N LEU G 83 10.51 7.49 20.49
CA LEU G 83 9.33 7.34 19.65
C LEU G 83 9.37 6.03 18.86
N GLN G 84 10.53 5.71 18.29
CA GLN G 84 10.66 4.47 17.52
C GLN G 84 10.52 3.26 18.42
N LEU G 85 11.14 3.28 19.59
CA LEU G 85 11.03 2.18 20.53
C LEU G 85 9.59 1.99 20.99
N ALA G 86 8.88 3.09 21.21
CA ALA G 86 7.46 2.99 21.55
C ALA G 86 6.68 2.35 20.42
N VAL G 87 6.90 2.79 19.18
CA VAL G 87 6.10 2.31 18.06
C VAL G 87 6.42 0.85 17.80
N ARG G 88 7.71 0.51 17.67
CA ARG G 88 8.09 -0.84 17.28
C ARG G 88 7.93 -1.83 18.42
N ASN G 89 7.84 -1.36 19.66
CA ASN G 89 7.62 -2.28 20.76
C ASN G 89 6.13 -2.50 21.01
N ASP G 90 5.29 -1.58 20.56
CA ASP G 90 3.84 -1.73 20.67
C ASP G 90 3.29 -2.37 19.41
N GLU G 91 2.54 -3.46 19.59
CA GLU G 91 2.11 -4.28 18.45
C GLU G 91 1.17 -3.50 17.54
N GLU G 92 0.19 -2.82 18.13
CA GLU G 92 -0.83 -2.13 17.35
C GLU G 92 -0.30 -0.85 16.72
N LEU G 93 0.54 -0.11 17.44
CA LEU G 93 1.19 1.04 16.84
C LEU G 93 2.12 0.63 15.71
N ASN G 94 2.77 -0.52 15.86
CA ASN G 94 3.65 -1.01 14.81
C ASN G 94 2.86 -1.51 13.61
N LYS G 95 1.62 -1.95 13.84
CA LYS G 95 0.76 -2.29 12.71
C LYS G 95 0.25 -1.05 12.01
N LEU G 96 -0.10 -0.01 12.78
CA LEU G 96 -0.56 1.25 12.20
C LEU G 96 0.53 1.93 11.37
N LEU G 97 1.76 1.97 11.90
CA LEU G 97 2.88 2.61 11.25
C LEU G 97 3.80 1.63 10.52
N GLY G 98 3.24 0.60 9.89
CA GLY G 98 4.06 -0.43 9.30
C GLY G 98 4.85 -0.01 8.06
N ARG G 99 4.31 0.90 7.26
CA ARG G 99 4.97 1.33 6.03
C ARG G 99 5.60 2.72 6.17
N VAL G 100 5.99 3.09 7.38
CA VAL G 100 6.48 4.43 7.67
C VAL G 100 7.91 4.32 8.17
N THR G 101 8.76 5.23 7.71
CA THR G 101 10.12 5.37 8.19
C THR G 101 10.22 6.57 9.11
N ILE G 102 10.73 6.34 10.32
CA ILE G 102 10.97 7.43 11.28
C ILE G 102 12.43 7.84 11.15
N ALA G 103 12.66 9.07 10.70
CA ALA G 103 14.02 9.56 10.54
C ALA G 103 14.76 9.52 11.88
N GLN G 104 16.03 9.12 11.85
CA GLN G 104 16.88 9.07 13.05
C GLN G 104 16.29 8.18 14.14
N GLY G 105 15.48 7.19 13.76
CA GLY G 105 14.84 6.33 14.73
C GLY G 105 15.60 5.05 15.04
N GLY G 106 16.43 4.62 14.09
CA GLY G 106 17.15 3.37 14.25
C GLY G 106 16.20 2.18 14.14
N VAL G 107 16.64 1.06 14.69
CA VAL G 107 15.89 -0.19 14.61
C VAL G 107 15.76 -0.79 16.01
N LEU G 108 14.90 -1.80 16.12
CA LEU G 108 14.79 -2.58 17.33
C LEU G 108 15.97 -3.55 17.43
N PRO G 109 16.56 -3.69 18.62
CA PRO G 109 17.60 -4.71 18.79
C PRO G 109 17.11 -6.13 18.60
N ASN G 110 17.62 -6.84 17.60
CA ASN G 110 17.12 -8.17 17.25
C ASN G 110 18.22 -8.97 16.54
N ILE G 111 18.82 -9.91 17.25
CA ILE G 111 19.79 -10.84 16.66
C ILE G 111 19.14 -12.21 16.59
N GLN G 112 19.14 -12.81 15.41
CA GLN G 112 18.60 -14.14 15.25
C GLN G 112 19.38 -15.14 16.10
N SER G 113 18.67 -16.08 16.72
CA SER G 113 19.28 -16.97 17.70
C SER G 113 20.33 -17.89 17.07
N VAL G 114 20.17 -18.22 15.79
CA VAL G 114 21.14 -19.09 15.13
C VAL G 114 22.47 -18.39 14.92
N LEU G 115 22.48 -17.05 14.94
CA LEU G 115 23.71 -16.30 14.77
C LEU G 115 24.52 -16.17 16.05
N LEU G 116 23.94 -16.48 17.20
CA LEU G 116 24.71 -16.35 18.43
C LEU G 116 25.76 -17.44 18.54
N THR H 29 6.65 33.31 6.49
CA THR H 29 5.22 33.06 6.51
C THR H 29 4.85 32.19 7.71
N ARG H 30 3.61 32.33 8.19
CA ARG H 30 3.16 31.60 9.35
C ARG H 30 2.96 30.13 9.02
N LYS H 31 3.63 29.26 9.76
CA LYS H 31 3.52 27.81 9.60
C LYS H 31 2.85 27.22 10.82
N GLU H 32 1.67 26.64 10.61
CA GLU H 32 0.88 26.00 11.65
C GLU H 32 1.37 24.59 11.96
N SER H 33 1.25 24.19 13.23
CA SER H 33 1.55 22.83 13.64
C SER H 33 0.74 22.48 14.88
N TYR H 34 0.77 21.21 15.26
CA TYR H 34 0.07 20.69 16.42
C TYR H 34 0.93 20.71 17.69
N ALA H 35 2.08 21.39 17.63
CA ALA H 35 3.07 21.29 18.71
C ALA H 35 2.51 21.67 20.08
N ILE H 36 1.70 22.71 20.16
CA ILE H 36 1.21 23.16 21.46
C ILE H 36 0.25 22.13 22.06
N TYR H 37 -0.56 21.51 21.22
CA TYR H 37 -1.52 20.52 21.71
C TYR H 37 -0.82 19.23 22.08
N VAL H 38 0.20 18.85 21.31
CA VAL H 38 1.02 17.71 21.68
C VAL H 38 1.68 17.95 23.04
N TYR H 39 2.12 19.19 23.29
CA TYR H 39 2.78 19.44 24.56
C TYR H 39 1.79 19.41 25.73
N LYS H 40 0.58 19.94 25.52
CA LYS H 40 -0.43 19.83 26.57
C LYS H 40 -0.81 18.38 26.87
N VAL H 41 -1.04 17.57 25.83
CA VAL H 41 -1.37 16.17 26.06
C VAL H 41 -0.21 15.48 26.77
N LEU H 42 1.03 15.82 26.41
CA LEU H 42 2.19 15.23 27.08
C LEU H 42 2.22 15.62 28.54
N LYS H 43 1.89 16.89 28.85
CA LYS H 43 1.87 17.30 30.24
C LYS H 43 0.75 16.62 30.99
N GLN H 44 -0.26 16.13 30.29
CA GLN H 44 -1.26 15.31 30.95
C GLN H 44 -0.68 13.93 31.25
N VAL H 45 -0.06 13.29 30.26
CA VAL H 45 0.38 11.90 30.41
C VAL H 45 1.73 11.81 31.10
N HIS H 46 2.59 12.82 30.91
CA HIS H 46 3.93 12.86 31.47
C HIS H 46 4.27 14.28 31.92
N PRO H 47 4.01 14.60 33.18
CA PRO H 47 4.15 16.00 33.64
C PRO H 47 5.54 16.57 33.51
N ASP H 48 6.60 15.81 33.77
CA ASP H 48 7.95 16.34 33.70
C ASP H 48 8.67 16.06 32.39
N THR H 49 8.22 15.06 31.64
CA THR H 49 8.88 14.67 30.40
C THR H 49 8.77 15.78 29.37
N GLY H 50 9.91 16.14 28.78
CA GLY H 50 9.96 17.12 27.73
C GLY H 50 10.12 16.47 26.37
N ILE H 51 10.39 17.30 25.36
CA ILE H 51 10.48 16.80 23.98
C ILE H 51 11.43 17.63 23.14
N SER H 52 12.29 16.96 22.38
CA SER H 52 13.20 17.61 21.46
C SER H 52 12.44 18.07 20.22
N SER H 53 13.08 18.91 19.42
CA SER H 53 12.39 19.47 18.25
C SER H 53 12.19 18.42 17.16
N LYS H 54 13.10 17.45 17.06
CA LYS H 54 12.93 16.34 16.11
C LYS H 54 11.75 15.46 16.48
N ALA H 55 11.64 15.07 17.75
CA ALA H 55 10.48 14.30 18.17
C ALA H 55 9.18 15.07 17.96
N MET H 56 9.19 16.39 18.15
CA MET H 56 7.97 17.15 17.90
C MET H 56 7.65 17.20 16.42
N SER H 57 8.67 17.31 15.57
CA SER H 57 8.45 17.25 14.13
C SER H 57 7.88 15.90 13.72
N ILE H 58 8.38 14.82 14.30
CA ILE H 58 7.85 13.49 14.03
C ILE H 58 6.40 13.39 14.49
N MET H 59 6.08 13.91 15.67
CA MET H 59 4.70 13.84 16.16
C MET H 59 3.77 14.67 15.27
N ASN H 60 4.25 15.81 14.78
CA ASN H 60 3.45 16.62 13.86
C ASN H 60 3.19 15.90 12.55
N SER H 61 4.22 15.29 11.96
CA SER H 61 3.99 14.57 10.73
C SER H 61 3.15 13.32 10.95
N PHE H 62 3.19 12.77 12.15
CA PHE H 62 2.32 11.63 12.48
C PHE H 62 0.86 12.06 12.58
N VAL H 63 0.61 13.19 13.25
CA VAL H 63 -0.75 13.71 13.33
C VAL H 63 -1.28 14.03 11.93
N ASN H 64 -0.44 14.62 11.09
CA ASN H 64 -0.90 14.95 9.75
C ASN H 64 -1.21 13.69 8.95
N ASP H 65 -0.34 12.67 9.05
CA ASP H 65 -0.56 11.41 8.38
C ASP H 65 -1.88 10.78 8.81
N VAL H 66 -2.12 10.72 10.12
CA VAL H 66 -3.33 10.08 10.62
C VAL H 66 -4.57 10.87 10.25
N PHE H 67 -4.48 12.21 10.32
CA PHE H 67 -5.58 13.04 9.82
C PHE H 67 -5.91 12.70 8.38
N GLU H 68 -4.90 12.64 7.50
CA GLU H 68 -5.18 12.37 6.11
C GLU H 68 -5.78 10.98 5.92
N ARG H 69 -5.28 9.99 6.66
CA ARG H 69 -5.84 8.65 6.54
C ARG H 69 -7.31 8.61 6.93
N ILE H 70 -7.63 9.14 8.12
CA ILE H 70 -9.01 9.08 8.59
C ILE H 70 -9.92 9.94 7.73
N ALA H 71 -9.47 11.13 7.35
CA ALA H 71 -10.31 12.01 6.55
C ALA H 71 -10.57 11.42 5.17
N GLY H 72 -9.57 10.81 4.55
CA GLY H 72 -9.79 10.17 3.27
C GLY H 72 -10.71 8.97 3.38
N GLU H 73 -10.57 8.18 4.45
CA GLU H 73 -11.45 7.04 4.62
C GLU H 73 -12.89 7.48 4.89
N ALA H 74 -13.08 8.54 5.70
CA ALA H 74 -14.41 9.08 5.92
C ALA H 74 -15.00 9.68 4.65
N SER H 75 -14.15 10.32 3.85
CA SER H 75 -14.58 10.88 2.57
C SER H 75 -15.12 9.78 1.67
N ARG H 76 -14.37 8.70 1.55
CA ARG H 76 -14.83 7.63 0.68
C ARG H 76 -15.97 6.84 1.30
N LEU H 77 -16.11 6.85 2.62
CA LEU H 77 -17.32 6.30 3.24
C LEU H 77 -18.56 7.10 2.85
N ALA H 78 -18.49 8.42 3.00
CA ALA H 78 -19.61 9.26 2.60
C ALA H 78 -19.92 9.10 1.12
N HIS H 79 -18.89 8.94 0.29
CA HIS H 79 -19.10 8.74 -1.13
C HIS H 79 -19.77 7.38 -1.42
N TYR H 80 -19.35 6.33 -0.71
CA TYR H 80 -19.94 5.01 -0.91
C TYR H 80 -21.43 5.01 -0.63
N ASN H 81 -21.86 5.71 0.43
CA ASN H 81 -23.26 5.76 0.83
C ASN H 81 -24.02 6.92 0.20
N LYS H 82 -23.42 7.59 -0.79
CA LYS H 82 -24.06 8.66 -1.54
C LYS H 82 -24.55 9.78 -0.61
N ARG H 83 -23.71 10.12 0.35
CA ARG H 83 -23.96 11.24 1.25
C ARG H 83 -23.04 12.41 0.90
N SER H 84 -23.49 13.61 1.24
CA SER H 84 -22.73 14.83 1.05
C SER H 84 -21.96 15.27 2.29
N THR H 85 -22.28 14.70 3.46
CA THR H 85 -21.79 15.22 4.72
C THR H 85 -20.87 14.20 5.38
N ILE H 86 -19.74 14.68 5.91
CA ILE H 86 -18.92 13.89 6.81
C ILE H 86 -19.39 14.18 8.23
N THR H 87 -19.88 13.16 8.92
CA THR H 87 -20.43 13.31 10.25
C THR H 87 -19.61 12.53 11.25
N SER H 88 -20.02 12.62 12.52
CA SER H 88 -19.32 11.89 13.58
C SER H 88 -19.33 10.40 13.33
N ARG H 89 -20.40 9.89 12.71
CA ARG H 89 -20.51 8.46 12.49
C ARG H 89 -19.70 8.00 11.28
N GLU H 90 -19.47 8.88 10.30
CA GLU H 90 -18.47 8.58 9.28
C GLU H 90 -17.08 8.49 9.88
N ILE H 91 -16.73 9.43 10.76
CA ILE H 91 -15.43 9.40 11.41
C ILE H 91 -15.29 8.15 12.27
N GLN H 92 -16.37 7.73 12.92
CA GLN H 92 -16.32 6.54 13.77
C GLN H 92 -16.11 5.28 12.94
N THR H 93 -16.85 5.15 11.84
CA THR H 93 -16.65 4.00 10.97
C THR H 93 -15.24 4.00 10.38
N ALA H 94 -14.73 5.17 10.02
CA ALA H 94 -13.36 5.27 9.52
C ALA H 94 -12.36 4.82 10.58
N VAL H 95 -12.60 5.18 11.83
CA VAL H 95 -11.70 4.75 12.90
C VAL H 95 -11.75 3.24 13.05
N ARG H 96 -12.95 2.65 13.01
CA ARG H 96 -13.04 1.20 13.12
C ARG H 96 -12.37 0.50 11.95
N LEU H 97 -12.34 1.14 10.77
CA LEU H 97 -11.68 0.52 9.63
C LEU H 97 -10.15 0.65 9.73
N LEU H 98 -9.65 1.82 10.12
CA LEU H 98 -8.22 2.07 10.07
C LEU H 98 -7.49 1.68 11.35
N LEU H 99 -8.15 1.67 12.48
CA LEU H 99 -7.25 1.39 13.58
C LEU H 99 -7.27 -0.09 13.95
N PRO H 100 -6.13 -0.60 14.43
CA PRO H 100 -5.99 -2.03 14.76
C PRO H 100 -6.56 -2.39 16.12
N GLY H 101 -7.83 -2.76 16.16
CA GLY H 101 -8.36 -3.48 17.30
C GLY H 101 -8.58 -2.65 18.55
N GLU H 102 -7.75 -2.86 19.57
CA GLU H 102 -7.93 -2.11 20.81
C GLU H 102 -7.73 -0.62 20.59
N LEU H 103 -6.76 -0.24 19.76
CA LEU H 103 -6.65 1.16 19.34
C LEU H 103 -7.98 1.64 18.80
N ALA H 104 -8.59 0.86 17.92
CA ALA H 104 -9.84 1.28 17.30
C ALA H 104 -10.96 1.42 18.31
N LYS H 105 -11.04 0.50 19.27
CA LYS H 105 -12.16 0.55 20.20
C LYS H 105 -11.98 1.64 21.24
N HIS H 106 -10.77 1.86 21.72
CA HIS H 106 -10.55 2.97 22.63
C HIS H 106 -10.71 4.32 21.94
N ALA H 107 -10.29 4.41 20.67
CA ALA H 107 -10.46 5.66 19.94
C ALA H 107 -11.92 5.94 19.68
N VAL H 108 -12.70 4.92 19.33
CA VAL H 108 -14.14 5.08 19.16
C VAL H 108 -14.79 5.51 20.47
N SER H 109 -14.40 4.91 21.59
CA SER H 109 -14.94 5.33 22.87
C SER H 109 -14.65 6.80 23.15
N GLU H 110 -13.38 7.21 23.00
CA GLU H 110 -13.02 8.60 23.24
C GLU H 110 -13.77 9.54 22.31
N GLY H 111 -13.89 9.18 21.03
CA GLY H 111 -14.54 10.05 20.08
C GLY H 111 -16.01 10.25 20.41
N THR H 112 -16.70 9.16 20.75
CA THR H 112 -18.12 9.31 21.07
C THR H 112 -18.29 10.06 22.38
N LYS H 113 -17.40 9.86 23.35
CA LYS H 113 -17.46 10.63 24.58
C LYS H 113 -17.27 12.13 24.31
N ALA H 114 -16.31 12.49 23.45
CA ALA H 114 -16.08 13.89 23.14
C ALA H 114 -17.28 14.49 22.43
N VAL H 115 -17.88 13.75 21.50
CA VAL H 115 -19.03 14.27 20.77
C VAL H 115 -20.21 14.43 21.70
N THR H 116 -20.38 13.50 22.64
CA THR H 116 -21.43 13.62 23.64
C THR H 116 -21.22 14.86 24.48
N LYS H 117 -19.98 15.09 24.94
CA LYS H 117 -19.72 16.26 25.77
C LYS H 117 -19.94 17.56 25.01
N TYR H 118 -19.53 17.60 23.74
CA TYR H 118 -19.71 18.81 22.93
C TYR H 118 -21.19 19.08 22.65
N THR H 119 -21.95 18.04 22.32
CA THR H 119 -23.38 18.20 22.04
C THR H 119 -24.18 18.65 23.26
N SER H 120 -23.89 18.12 24.44
CA SER H 120 -24.59 18.52 25.65
C SER H 120 -24.32 19.97 26.01
#